data_8RTP
#
_entry.id   8RTP
#
_cell.length_a   134.727
_cell.length_b   202.441
_cell.length_c   224.762
_cell.angle_alpha   90.000
_cell.angle_beta   90.000
_cell.angle_gamma   90.000
#
_symmetry.space_group_name_H-M   'F 2 2 2'
#
loop_
_entity.id
_entity.type
_entity.pdbx_description
1 polymer 'Bilirubin oxidase'
2 branched alpha-D-mannopyranose-(1-3)-beta-D-mannopyranose-(1-4)-2-acetamido-2-deoxy-beta-D-glucopyranose-(1-4)-2-acetamido-2-deoxy-beta-D-glucopyranose
3 branched 2-acetamido-2-deoxy-beta-D-glucopyranose-(1-4)-2-acetamido-2-deoxy-beta-D-glucopyranose
4 non-polymer 'COPPER (II) ION'
5 non-polymer 'SUCCINIC ACID'
6 non-polymer 'OXYGEN MOLECULE'
7 non-polymer 'TETRAETHYLENE GLYCOL'
8 non-polymer R-1,2-PROPANEDIOL
9 non-polymer NICOTINAMIDE-ADENINE-DINUCLEOTIDE
10 non-polymer GLYCEROL
11 water water
#
_entity_poly.entity_id   1
_entity_poly.type   'polypeptide(L)'
_entity_poly.pdbx_seq_one_letter_code
;VAQISPQYPMFTVPLPIPPVKQPRLTVTNPVNGQEIWYYEVEIKPFTHQVYPDLGSADLVGYDGMSPGPTFQVPRGVETV
VRFINNAEAPNSVHLHGSFSRAAFDGWAEDITEPGSFKDYYYPNRQSARTLWYHDHAMHITAENAYRGQAGLYMLTDPAE
DALNLPSGYGEFDIPMILTSKQYTANGNLVTTNGELNSFWGDVIHVNGQPWPFKNVEPRKYRFRFLDAAVSRSFGLYFAD
TDAIDTRLPFKVIASDSGLLEHPADTSLLYISMAERYEVVFDFSDYAGKTIELRNLGGSIGGIGTDTDYDNTDKVMRFVV
ADDTTQPDTSVVPANLRDVPFPSPTTNTPRQFRFGRTGPTWTINGVAFADVQNRLLANVPVGTVERWELINAGNGWTHPI
HIHLVDFKVISRTSGNNARTVMPYESGLKDVVWLGRRETVVVEAHYAPFPGVYMFHCHNLIHEDHDMMAAFNATVLPDYG
YNATVFVDPMEELWQARPYELGEFQAQSGQFSVQAVTERIQTMAEYRPYAAADE
;
_entity_poly.pdbx_strand_id   AAA,BBB
#
loop_
_chem_comp.id
_chem_comp.type
_chem_comp.name
_chem_comp.formula
BMA D-saccharide, beta linking beta-D-mannopyranose 'C6 H12 O6'
CU non-polymer 'COPPER (II) ION' 'Cu 2'
GOL non-polymer GLYCEROL 'C3 H8 O3'
MAN D-saccharide, alpha linking alpha-D-mannopyranose 'C6 H12 O6'
NAD non-polymer NICOTINAMIDE-ADENINE-DINUCLEOTIDE 'C21 H27 N7 O14 P2'
NAG D-saccharide, beta linking 2-acetamido-2-deoxy-beta-D-glucopyranose 'C8 H15 N O6'
OXY non-polymer 'OXYGEN MOLECULE' O2
PG4 non-polymer 'TETRAETHYLENE GLYCOL' 'C8 H18 O5'
PGR non-polymer R-1,2-PROPANEDIOL 'C3 H8 O2'
SIN non-polymer 'SUCCINIC ACID' 'C4 H6 O4'
#
# COMPACT_ATOMS: atom_id res chain seq x y z
N VAL A 1 -31.45 -32.06 -19.88
CA VAL A 1 -31.84 -32.59 -21.21
C VAL A 1 -30.66 -33.38 -21.82
N ALA A 2 -30.95 -34.11 -22.90
CA ALA A 2 -30.02 -35.03 -23.59
C ALA A 2 -28.73 -34.29 -23.97
N GLN A 3 -27.59 -34.88 -23.67
CA GLN A 3 -26.27 -34.39 -24.11
C GLN A 3 -26.24 -34.38 -25.64
N ILE A 4 -25.70 -33.33 -26.25
CA ILE A 4 -25.62 -33.23 -27.73
C ILE A 4 -24.20 -33.67 -28.15
N SER A 5 -23.18 -33.24 -27.42
CA SER A 5 -21.78 -33.68 -27.64
C SER A 5 -21.70 -35.21 -27.57
N PRO A 6 -20.77 -35.85 -28.33
CA PRO A 6 -20.56 -37.28 -28.22
C PRO A 6 -20.23 -37.68 -26.77
N GLN A 7 -20.42 -38.96 -26.48
CA GLN A 7 -20.17 -39.55 -25.15
C GLN A 7 -18.68 -39.48 -24.91
N TYR A 8 -18.31 -38.99 -23.73
CA TYR A 8 -16.92 -38.77 -23.27
C TYR A 8 -16.54 -39.88 -22.28
N PRO A 9 -15.34 -40.48 -22.31
CA PRO A 9 -14.88 -41.38 -21.24
C PRO A 9 -14.65 -40.67 -19.90
N MET A 10 -15.67 -40.56 -19.05
CA MET A 10 -15.69 -39.66 -17.88
C MET A 10 -14.60 -40.06 -16.89
N PHE A 11 -13.92 -39.07 -16.31
CA PHE A 11 -13.02 -39.20 -15.14
C PHE A 11 -11.90 -40.21 -15.45
N THR A 12 -11.42 -40.26 -16.70
CA THR A 12 -10.35 -41.17 -17.16
C THR A 12 -9.05 -40.42 -17.46
N VAL A 13 -9.08 -39.11 -17.61
CA VAL A 13 -7.89 -38.32 -18.03
C VAL A 13 -7.49 -37.45 -16.85
N PRO A 14 -6.19 -37.42 -16.45
CA PRO A 14 -5.77 -36.60 -15.32
C PRO A 14 -5.96 -35.10 -15.62
N LEU A 15 -6.29 -34.36 -14.56
CA LEU A 15 -6.37 -32.88 -14.57
C LEU A 15 -5.05 -32.33 -15.08
N PRO A 16 -5.02 -31.61 -16.21
CA PRO A 16 -3.79 -30.94 -16.63
C PRO A 16 -3.63 -29.66 -15.81
N ILE A 17 -2.39 -29.28 -15.60
CA ILE A 17 -1.97 -28.03 -14.91
C ILE A 17 -1.25 -27.17 -15.93
N PRO A 18 -1.79 -25.99 -16.32
CA PRO A 18 -1.07 -25.12 -17.26
C PRO A 18 0.36 -24.88 -16.78
N PRO A 19 1.37 -24.90 -17.67
CA PRO A 19 2.74 -24.62 -17.24
C PRO A 19 2.86 -23.13 -16.86
N VAL A 20 3.83 -22.82 -15.99
CA VAL A 20 4.16 -21.42 -15.63
C VAL A 20 4.80 -20.74 -16.85
N LYS A 21 4.31 -19.56 -17.20
CA LYS A 21 4.95 -18.70 -18.23
C LYS A 21 6.21 -18.05 -17.64
N GLN A 22 7.37 -18.20 -18.28
CA GLN A 22 8.64 -17.57 -17.82
C GLN A 22 8.92 -16.34 -18.66
N PRO A 23 9.40 -15.24 -18.04
CA PRO A 23 9.84 -14.07 -18.81
C PRO A 23 11.01 -14.45 -19.72
N ARG A 24 11.14 -13.75 -20.85
CA ARG A 24 12.27 -13.97 -21.76
C ARG A 24 13.53 -13.32 -21.17
N LEU A 25 13.39 -12.11 -20.62
CA LEU A 25 14.51 -11.37 -20.01
C LEU A 25 13.94 -10.26 -19.14
N THR A 26 14.80 -9.45 -18.54
CA THR A 26 14.38 -8.32 -17.67
C THR A 26 15.05 -7.10 -18.23
N VAL A 27 14.42 -5.94 -18.11
CA VAL A 27 14.89 -4.63 -18.64
C VAL A 27 15.00 -3.70 -17.45
N THR A 28 16.13 -2.98 -17.32
CA THR A 28 16.34 -2.01 -16.22
C THR A 28 15.42 -0.84 -16.47
N ASN A 29 14.48 -0.64 -15.54
CA ASN A 29 13.65 0.59 -15.62
C ASN A 29 14.57 1.77 -15.33
N PRO A 30 14.80 2.69 -16.27
CA PRO A 30 15.69 3.83 -16.03
C PRO A 30 15.18 4.81 -14.96
N VAL A 31 13.88 4.77 -14.63
CA VAL A 31 13.22 5.73 -13.70
C VAL A 31 13.61 5.37 -12.26
N ASN A 32 13.71 4.09 -11.94
CA ASN A 32 13.80 3.60 -10.53
C ASN A 32 14.89 2.55 -10.36
N GLY A 33 15.55 2.12 -11.45
CA GLY A 33 16.67 1.14 -11.42
C GLY A 33 16.20 -0.29 -11.31
N GLN A 34 14.88 -0.52 -11.34
CA GLN A 34 14.27 -1.83 -11.04
C GLN A 34 14.11 -2.60 -12.33
N GLU A 35 14.16 -3.92 -12.22
CA GLU A 35 13.99 -4.87 -13.34
C GLU A 35 12.48 -4.98 -13.61
N ILE A 36 12.10 -4.64 -14.85
CA ILE A 36 10.79 -4.99 -15.48
C ILE A 36 10.95 -6.39 -16.11
N TRP A 37 10.04 -7.31 -15.82
CA TRP A 37 10.00 -8.65 -16.47
C TRP A 37 9.27 -8.53 -17.80
N TYR A 38 9.94 -8.93 -18.87
CA TYR A 38 9.46 -8.88 -20.27
C TYR A 38 9.09 -10.29 -20.70
N TYR A 39 7.87 -10.46 -21.19
CA TYR A 39 7.39 -11.77 -21.70
C TYR A 39 6.96 -11.63 -23.15
N GLU A 40 7.02 -12.74 -23.90
CA GLU A 40 6.47 -12.87 -25.28
C GLU A 40 5.46 -14.01 -25.31
N VAL A 41 4.21 -13.70 -25.68
CA VAL A 41 3.14 -14.69 -25.90
C VAL A 41 2.74 -14.61 -27.36
N GLU A 42 2.78 -15.75 -28.03
CA GLU A 42 2.40 -15.90 -29.46
C GLU A 42 0.98 -16.47 -29.48
N ILE A 43 0.00 -15.72 -29.98
CA ILE A 43 -1.38 -16.22 -30.21
C ILE A 43 -1.37 -16.98 -31.54
N LYS A 44 -1.75 -18.25 -31.52
CA LYS A 44 -1.60 -19.12 -32.73
C LYS A 44 -2.53 -20.33 -32.68
N PRO A 45 -3.05 -20.74 -33.87
CA PRO A 45 -3.96 -21.86 -33.97
C PRO A 45 -3.18 -23.14 -33.63
N PHE A 46 -3.93 -24.13 -33.16
CA PHE A 46 -3.40 -25.47 -32.81
C PHE A 46 -4.60 -26.40 -32.76
N THR A 47 -4.34 -27.69 -32.74
CA THR A 47 -5.39 -28.73 -32.63
C THR A 47 -5.11 -29.49 -31.34
N HIS A 48 -6.17 -30.04 -30.78
CA HIS A 48 -6.10 -30.83 -29.55
C HIS A 48 -7.03 -32.03 -29.73
N GLN A 49 -6.51 -33.22 -29.48
CA GLN A 49 -7.28 -34.49 -29.42
C GLN A 49 -8.12 -34.46 -28.14
N VAL A 50 -9.29 -33.83 -28.15
CA VAL A 50 -10.15 -33.78 -26.92
C VAL A 50 -10.76 -35.17 -26.74
N TYR A 51 -11.41 -35.72 -27.76
CA TYR A 51 -12.02 -37.07 -27.69
C TYR A 51 -11.06 -38.12 -28.22
N PRO A 52 -10.60 -39.08 -27.39
CA PRO A 52 -9.65 -40.09 -27.83
C PRO A 52 -9.98 -40.83 -29.13
N ASP A 53 -11.26 -41.01 -29.47
CA ASP A 53 -11.65 -41.89 -30.60
C ASP A 53 -12.14 -41.10 -31.80
N LEU A 54 -12.12 -39.76 -31.77
CA LEU A 54 -12.71 -38.96 -32.87
C LEU A 54 -11.62 -38.11 -33.53
N GLY A 55 -12.01 -37.13 -34.33
CA GLY A 55 -11.08 -36.11 -34.83
C GLY A 55 -10.56 -35.23 -33.72
N SER A 56 -9.83 -34.19 -34.09
CA SER A 56 -9.26 -33.17 -33.17
CA SER A 56 -9.30 -33.20 -33.12
C SER A 56 -10.12 -31.90 -33.21
N ALA A 57 -9.90 -30.99 -32.27
CA ALA A 57 -10.58 -29.68 -32.14
C ALA A 57 -9.62 -28.58 -32.57
N ASP A 58 -10.10 -27.64 -33.37
CA ASP A 58 -9.36 -26.41 -33.74
C ASP A 58 -9.50 -25.37 -32.63
N LEU A 59 -8.35 -24.88 -32.12
CA LEU A 59 -8.29 -23.88 -31.03
C LEU A 59 -7.30 -22.82 -31.49
N VAL A 60 -7.36 -21.66 -30.83
CA VAL A 60 -6.38 -20.56 -30.98
C VAL A 60 -6.07 -20.09 -29.56
N GLY A 61 -4.79 -20.22 -29.18
CA GLY A 61 -4.34 -20.10 -27.77
C GLY A 61 -3.11 -19.24 -27.65
N TYR A 62 -2.95 -18.66 -26.47
CA TYR A 62 -1.71 -18.05 -25.99
C TYR A 62 -0.66 -19.15 -25.92
N ASP A 63 0.45 -18.95 -26.62
CA ASP A 63 1.57 -19.91 -26.83
C ASP A 63 1.07 -21.26 -27.36
N GLY A 64 0.02 -21.27 -28.19
CA GLY A 64 -0.53 -22.49 -28.81
C GLY A 64 -0.99 -23.49 -27.79
N MET A 65 -1.56 -23.04 -26.67
CA MET A 65 -2.16 -23.94 -25.68
C MET A 65 -3.40 -23.29 -25.08
N SER A 66 -4.23 -24.13 -24.46
CA SER A 66 -5.46 -23.72 -23.77
C SER A 66 -5.72 -24.64 -22.59
N PRO A 67 -5.82 -24.10 -21.37
CA PRO A 67 -5.64 -22.67 -21.13
C PRO A 67 -4.24 -22.15 -21.49
N GLY A 68 -4.12 -20.82 -21.49
CA GLY A 68 -2.82 -20.14 -21.62
C GLY A 68 -1.92 -20.54 -20.46
N PRO A 69 -0.60 -20.27 -20.58
CA PRO A 69 0.35 -20.54 -19.52
C PRO A 69 0.02 -19.60 -18.35
N THR A 70 0.28 -20.10 -17.15
CA THR A 70 0.00 -19.42 -15.89
C THR A 70 1.13 -18.46 -15.59
N PHE A 71 0.84 -17.17 -15.49
CA PHE A 71 1.83 -16.20 -14.98
C PHE A 71 1.91 -16.29 -13.47
N GLN A 72 3.09 -15.99 -12.93
CA GLN A 72 3.30 -15.99 -11.47
C GLN A 72 4.19 -14.80 -11.16
N VAL A 73 3.58 -13.71 -10.68
CA VAL A 73 4.27 -12.41 -10.55
C VAL A 73 4.19 -11.97 -9.10
N PRO A 74 5.33 -11.58 -8.47
CA PRO A 74 5.28 -11.03 -7.12
C PRO A 74 4.79 -9.59 -7.17
N ARG A 75 3.97 -9.18 -6.21
CA ARG A 75 3.63 -7.74 -6.04
C ARG A 75 4.92 -6.93 -6.03
N GLY A 76 4.91 -5.76 -6.68
CA GLY A 76 6.09 -4.88 -6.74
C GLY A 76 6.89 -5.03 -8.03
N VAL A 77 6.78 -6.14 -8.79
CA VAL A 77 7.55 -6.38 -10.04
C VAL A 77 6.66 -5.95 -11.21
N GLU A 78 7.03 -4.91 -11.95
CA GLU A 78 6.31 -4.50 -13.17
C GLU A 78 6.56 -5.52 -14.28
N THR A 79 5.56 -5.71 -15.13
CA THR A 79 5.64 -6.67 -16.26
C THR A 79 5.26 -5.96 -17.55
N VAL A 80 5.98 -6.30 -18.63
CA VAL A 80 5.57 -6.00 -20.02
C VAL A 80 5.39 -7.33 -20.77
N VAL A 81 4.18 -7.54 -21.26
CA VAL A 81 3.89 -8.75 -22.05
C VAL A 81 3.67 -8.30 -23.49
N ARG A 82 4.46 -8.86 -24.40
CA ARG A 82 4.27 -8.67 -25.86
C ARG A 82 3.33 -9.77 -26.35
N PHE A 83 2.06 -9.43 -26.58
CA PHE A 83 1.11 -10.38 -27.17
C PHE A 83 1.20 -10.21 -28.68
N ILE A 84 1.69 -11.28 -29.30
CA ILE A 84 1.99 -11.36 -30.75
C ILE A 84 0.86 -12.12 -31.43
N ASN A 85 0.14 -11.45 -32.31
CA ASN A 85 -0.96 -12.11 -33.03
C ASN A 85 -0.37 -12.81 -34.26
N ASN A 86 -0.42 -14.14 -34.24
CA ASN A 86 -0.06 -15.03 -35.37
C ASN A 86 -1.26 -15.95 -35.64
N ALA A 87 -2.47 -15.38 -35.59
CA ALA A 87 -3.72 -16.14 -35.77
C ALA A 87 -4.46 -15.52 -36.94
N GLU A 88 -5.77 -15.72 -37.03
CA GLU A 88 -6.59 -15.40 -38.23
C GLU A 88 -7.63 -14.32 -37.88
N ALA A 89 -7.73 -13.90 -36.63
CA ALA A 89 -8.65 -12.83 -36.21
C ALA A 89 -7.93 -11.90 -35.22
N PRO A 90 -8.43 -10.67 -35.09
CA PRO A 90 -7.83 -9.74 -34.15
C PRO A 90 -7.99 -10.18 -32.68
N ASN A 91 -7.21 -9.54 -31.83
CA ASN A 91 -7.24 -9.78 -30.37
C ASN A 91 -7.12 -8.44 -29.66
N SER A 92 -7.57 -8.45 -28.42
CA SER A 92 -7.33 -7.39 -27.42
C SER A 92 -7.23 -8.10 -26.07
N VAL A 93 -6.08 -8.06 -25.43
CA VAL A 93 -5.86 -8.78 -24.14
C VAL A 93 -6.27 -7.87 -22.96
N HIS A 94 -7.19 -8.38 -22.14
CA HIS A 94 -7.54 -7.83 -20.82
C HIS A 94 -6.94 -8.71 -19.71
N LEU A 95 -6.14 -8.09 -18.86
CA LEU A 95 -5.76 -8.68 -17.55
C LEU A 95 -6.83 -8.36 -16.53
N HIS A 96 -7.75 -9.30 -16.32
CA HIS A 96 -8.93 -9.14 -15.45
C HIS A 96 -8.47 -9.30 -13.99
N GLY A 97 -8.74 -8.26 -13.19
CA GLY A 97 -8.34 -8.10 -11.79
C GLY A 97 -7.20 -7.09 -11.65
N SER A 98 -6.76 -6.43 -12.75
CA SER A 98 -5.61 -5.47 -12.73
C SER A 98 -6.09 -4.03 -13.02
N PHE A 99 -5.62 -3.05 -12.23
CA PHE A 99 -5.92 -1.60 -12.43
C PHE A 99 -4.94 -1.00 -13.46
N SER A 100 -4.82 -1.70 -14.60
CA SER A 100 -3.96 -1.36 -15.75
C SER A 100 -4.42 -0.01 -16.30
N ARG A 101 -3.53 0.76 -16.91
CA ARG A 101 -3.93 2.01 -17.60
C ARG A 101 -4.85 1.62 -18.77
N ALA A 102 -5.75 2.53 -19.15
CA ALA A 102 -6.79 2.39 -20.18
C ALA A 102 -6.27 1.72 -21.46
N ALA A 103 -5.05 2.04 -21.90
CA ALA A 103 -4.42 1.53 -23.13
C ALA A 103 -3.67 0.20 -22.88
N PHE A 104 -3.71 -0.34 -21.65
CA PHE A 104 -3.11 -1.64 -21.31
C PHE A 104 -4.18 -2.58 -20.71
N ASP A 105 -5.45 -2.27 -20.90
CA ASP A 105 -6.57 -2.88 -20.15
C ASP A 105 -7.43 -3.76 -21.03
N GLY A 106 -7.12 -3.87 -22.35
CA GLY A 106 -7.89 -4.70 -23.30
C GLY A 106 -9.20 -4.05 -23.71
N TRP A 107 -9.28 -2.72 -23.73
CA TRP A 107 -10.39 -1.97 -24.40
C TRP A 107 -10.80 -2.71 -25.70
N ALA A 108 -12.10 -2.92 -25.95
CA ALA A 108 -12.59 -3.84 -26.99
C ALA A 108 -12.14 -3.38 -28.38
N GLU A 109 -11.94 -2.08 -28.61
CA GLU A 109 -11.57 -1.49 -29.93
C GLU A 109 -10.06 -1.44 -30.12
N ASP A 110 -9.29 -1.65 -29.05
CA ASP A 110 -7.82 -1.58 -29.01
C ASP A 110 -7.27 -2.94 -29.46
N ILE A 111 -7.51 -3.29 -30.72
CA ILE A 111 -7.18 -4.60 -31.29
C ILE A 111 -5.76 -4.61 -31.82
N THR A 112 -5.26 -5.82 -31.86
CA THR A 112 -4.02 -6.24 -32.54
C THR A 112 -4.49 -7.14 -33.69
N GLU A 113 -4.13 -6.79 -34.91
CA GLU A 113 -4.45 -7.61 -36.11
C GLU A 113 -3.42 -8.73 -36.19
N PRO A 114 -3.71 -9.86 -36.90
CA PRO A 114 -2.67 -10.78 -37.31
C PRO A 114 -1.50 -10.07 -38.01
N GLY A 115 -0.27 -10.42 -37.62
CA GLY A 115 0.99 -9.84 -38.15
C GLY A 115 1.42 -8.62 -37.37
N SER A 116 0.69 -8.31 -36.28
CA SER A 116 1.03 -7.22 -35.34
C SER A 116 1.16 -7.81 -33.91
N PHE A 117 1.78 -7.06 -33.03
CA PHE A 117 1.95 -7.37 -31.59
C PHE A 117 1.61 -6.09 -30.83
N LYS A 118 1.30 -6.21 -29.54
CA LYS A 118 1.17 -5.06 -28.63
C LYS A 118 1.92 -5.40 -27.33
N ASP A 119 2.60 -4.38 -26.81
CA ASP A 119 3.28 -4.38 -25.50
C ASP A 119 2.31 -3.83 -24.45
N TYR A 120 2.00 -4.69 -23.49
CA TYR A 120 1.10 -4.41 -22.36
C TYR A 120 1.96 -4.26 -21.13
N TYR A 121 1.85 -3.13 -20.45
CA TYR A 121 2.66 -2.75 -19.28
C TYR A 121 1.75 -2.86 -18.05
N TYR A 122 2.03 -3.81 -17.15
CA TYR A 122 1.14 -4.18 -16.02
C TYR A 122 1.81 -3.75 -14.73
N PRO A 123 1.04 -3.17 -13.77
CA PRO A 123 1.61 -2.64 -12.53
C PRO A 123 1.96 -3.67 -11.44
N ASN A 124 1.14 -4.70 -11.27
CA ASN A 124 1.30 -5.75 -10.22
C ASN A 124 1.45 -5.09 -8.83
N ARG A 125 0.61 -4.12 -8.52
CA ARG A 125 0.66 -3.35 -7.23
CA ARG A 125 0.66 -3.36 -7.24
C ARG A 125 -0.48 -3.80 -6.31
N GLN A 126 -1.55 -4.39 -6.86
CA GLN A 126 -2.75 -4.67 -6.04
C GLN A 126 -2.51 -5.85 -5.11
N SER A 127 -3.48 -6.12 -4.23
CA SER A 127 -3.46 -7.22 -3.24
C SER A 127 -3.31 -8.52 -4.04
N ALA A 128 -2.52 -9.42 -3.50
CA ALA A 128 -2.39 -10.82 -3.99
C ALA A 128 -3.78 -11.30 -4.37
N ARG A 129 -3.94 -11.82 -5.59
CA ARG A 129 -5.24 -12.28 -6.11
C ARG A 129 -4.97 -13.21 -7.28
N THR A 130 -6.00 -13.97 -7.65
CA THR A 130 -5.99 -14.76 -8.91
C THR A 130 -6.55 -13.86 -10.01
N LEU A 131 -5.68 -13.35 -10.90
CA LEU A 131 -6.16 -12.66 -12.10
C LEU A 131 -6.27 -13.69 -13.21
N TRP A 132 -6.85 -13.27 -14.33
CA TRP A 132 -6.81 -14.08 -15.56
C TRP A 132 -6.72 -13.12 -16.72
N TYR A 133 -6.00 -13.55 -17.77
CA TYR A 133 -5.80 -12.76 -19.00
C TYR A 133 -6.64 -13.46 -20.04
N HIS A 134 -7.35 -12.70 -20.87
CA HIS A 134 -8.29 -13.29 -21.85
C HIS A 134 -8.58 -12.28 -22.95
N ASP A 135 -9.10 -12.77 -24.06
CA ASP A 135 -9.45 -11.88 -25.18
C ASP A 135 -10.64 -10.98 -24.83
N HIS A 136 -10.66 -9.80 -25.43
CA HIS A 136 -11.72 -8.80 -25.22
C HIS A 136 -12.08 -8.05 -26.51
N ALA A 137 -11.60 -8.48 -27.66
CA ALA A 137 -11.80 -7.80 -28.96
C ALA A 137 -13.30 -7.68 -29.25
N MET A 138 -13.69 -6.46 -29.57
CA MET A 138 -15.06 -6.05 -29.96
C MET A 138 -15.77 -7.12 -30.82
N HIS A 139 -16.88 -7.65 -30.33
CA HIS A 139 -17.89 -8.51 -31.01
C HIS A 139 -17.39 -9.95 -31.16
N ILE A 140 -16.09 -10.20 -30.93
CA ILE A 140 -15.55 -11.57 -31.14
C ILE A 140 -14.93 -12.12 -29.85
N THR A 141 -15.21 -11.52 -28.69
CA THR A 141 -14.69 -11.97 -27.37
C THR A 141 -15.17 -13.39 -27.06
N ALA A 142 -16.42 -13.73 -27.35
CA ALA A 142 -16.98 -15.05 -26.97
C ALA A 142 -16.17 -16.13 -27.68
N GLU A 143 -16.03 -15.99 -29.00
CA GLU A 143 -15.35 -17.02 -29.83
C GLU A 143 -13.85 -17.05 -29.52
N ASN A 144 -13.19 -15.91 -29.31
CA ASN A 144 -11.74 -15.94 -28.99
C ASN A 144 -11.52 -16.64 -27.65
N ALA A 145 -12.33 -16.35 -26.61
CA ALA A 145 -12.21 -17.02 -25.28
C ALA A 145 -12.52 -18.52 -25.42
N TYR A 146 -13.64 -18.85 -26.06
CA TYR A 146 -14.13 -20.23 -26.29
C TYR A 146 -13.07 -21.07 -27.01
N ARG A 147 -12.40 -20.50 -28.03
CA ARG A 147 -11.36 -21.23 -28.82
C ARG A 147 -10.03 -21.28 -28.09
N GLY A 148 -9.89 -20.62 -26.93
CA GLY A 148 -8.81 -20.88 -25.95
C GLY A 148 -8.00 -19.67 -25.53
N GLN A 149 -8.44 -18.43 -25.78
CA GLN A 149 -7.67 -17.21 -25.40
C GLN A 149 -8.07 -16.84 -23.96
N ALA A 150 -7.60 -17.61 -23.00
CA ALA A 150 -7.78 -17.33 -21.54
C ALA A 150 -6.69 -18.09 -20.79
N GLY A 151 -6.07 -17.41 -19.83
CA GLY A 151 -5.12 -18.08 -18.94
C GLY A 151 -5.12 -17.39 -17.60
N LEU A 152 -4.40 -18.00 -16.66
CA LEU A 152 -4.32 -17.54 -15.27
C LEU A 152 -3.10 -16.64 -15.08
N TYR A 153 -3.21 -15.66 -14.18
CA TYR A 153 -2.14 -14.72 -13.79
C TYR A 153 -2.21 -14.59 -12.26
N MET A 154 -1.28 -15.23 -11.56
CA MET A 154 -1.25 -15.25 -10.06
C MET A 154 -0.33 -14.13 -9.55
N LEU A 155 -0.92 -13.10 -8.91
CA LEU A 155 -0.19 -12.01 -8.24
C LEU A 155 0.04 -12.49 -6.80
N THR A 156 1.29 -12.67 -6.39
CA THR A 156 1.65 -13.26 -5.07
C THR A 156 2.26 -12.22 -4.14
N ASP A 157 2.35 -12.52 -2.85
CA ASP A 157 2.75 -11.53 -1.84
C ASP A 157 3.36 -12.31 -0.68
N PRO A 158 4.61 -12.02 -0.24
CA PRO A 158 5.17 -12.72 0.92
C PRO A 158 4.31 -12.64 2.19
N ALA A 159 3.63 -11.51 2.43
CA ALA A 159 2.66 -11.34 3.55
C ALA A 159 1.62 -12.46 3.52
N GLU A 160 1.13 -12.87 2.33
CA GLU A 160 0.10 -13.94 2.21
C GLU A 160 0.74 -15.34 2.37
N ASP A 161 1.97 -15.48 1.89
CA ASP A 161 2.74 -16.75 1.98
C ASP A 161 2.94 -17.11 3.46
N ALA A 162 3.07 -16.11 4.34
CA ALA A 162 3.18 -16.25 5.82
C ALA A 162 1.90 -16.85 6.46
N LEU A 163 0.74 -16.82 5.78
CA LEU A 163 -0.52 -17.40 6.32
C LEU A 163 -0.39 -18.89 6.34
N ASN A 164 0.55 -19.42 5.55
CA ASN A 164 0.88 -20.87 5.51
C ASN A 164 -0.36 -21.63 5.04
N LEU A 165 -1.06 -21.09 4.01
CA LEU A 165 -2.15 -21.81 3.31
C LEU A 165 -1.53 -22.94 2.48
N PRO A 166 -2.30 -23.99 2.10
CA PRO A 166 -1.80 -25.04 1.19
C PRO A 166 -1.13 -24.41 -0.03
N SER A 167 0.06 -24.88 -0.43
CA SER A 167 0.97 -24.13 -1.34
C SER A 167 1.61 -25.06 -2.37
N GLY A 168 2.27 -24.43 -3.34
CA GLY A 168 2.96 -25.12 -4.44
C GLY A 168 2.03 -25.20 -5.62
N TYR A 169 2.32 -24.42 -6.65
CA TYR A 169 1.58 -24.48 -7.93
C TYR A 169 1.65 -25.91 -8.48
N GLY A 170 0.47 -26.53 -8.62
CA GLY A 170 0.36 -27.89 -9.18
C GLY A 170 0.65 -28.92 -8.11
N GLU A 171 0.88 -28.49 -6.86
CA GLU A 171 1.15 -29.40 -5.72
C GLU A 171 -0.11 -29.44 -4.88
N PHE A 172 -0.28 -28.48 -3.97
CA PHE A 172 -1.50 -28.33 -3.13
C PHE A 172 -2.19 -27.00 -3.42
N ASP A 173 -1.67 -26.21 -4.39
CA ASP A 173 -2.29 -24.96 -4.92
C ASP A 173 -2.64 -25.21 -6.39
N ILE A 174 -3.91 -25.54 -6.66
CA ILE A 174 -4.35 -26.13 -7.95
C ILE A 174 -5.26 -25.13 -8.65
N PRO A 175 -4.94 -24.76 -9.90
CA PRO A 175 -5.85 -23.94 -10.70
C PRO A 175 -7.01 -24.79 -11.19
N MET A 176 -8.23 -24.23 -11.15
CA MET A 176 -9.50 -24.93 -11.44
C MET A 176 -10.30 -24.04 -12.41
N ILE A 177 -9.85 -24.01 -13.66
CA ILE A 177 -10.41 -23.11 -14.72
C ILE A 177 -11.59 -23.86 -15.35
N LEU A 178 -12.82 -23.42 -15.09
CA LEU A 178 -14.03 -24.13 -15.56
C LEU A 178 -14.44 -23.55 -16.90
N THR A 179 -14.70 -24.40 -17.87
CA THR A 179 -15.42 -23.97 -19.08
C THR A 179 -16.50 -24.98 -19.41
N SER A 180 -17.39 -24.58 -20.33
CA SER A 180 -18.55 -25.38 -20.77
C SER A 180 -18.69 -25.23 -22.28
N LYS A 181 -18.44 -26.31 -23.02
CA LYS A 181 -18.37 -26.26 -24.49
C LYS A 181 -19.24 -27.35 -25.09
N GLN A 182 -19.40 -27.27 -26.41
CA GLN A 182 -20.15 -28.29 -27.17
C GLN A 182 -19.25 -28.73 -28.33
N TYR A 183 -19.29 -30.02 -28.65
CA TYR A 183 -18.47 -30.66 -29.70
C TYR A 183 -19.37 -31.25 -30.78
N THR A 184 -18.83 -31.42 -31.98
CA THR A 184 -19.51 -32.09 -33.12
C THR A 184 -19.31 -33.61 -32.96
N ALA A 185 -20.05 -34.37 -33.76
CA ALA A 185 -19.94 -35.85 -33.80
C ALA A 185 -18.49 -36.26 -34.10
N ASN A 186 -17.69 -35.41 -34.72
CA ASN A 186 -16.28 -35.73 -35.11
C ASN A 186 -15.28 -35.14 -34.11
N GLY A 187 -15.75 -34.62 -32.96
CA GLY A 187 -14.86 -34.26 -31.84
C GLY A 187 -14.21 -32.89 -31.97
N ASN A 188 -14.68 -32.08 -32.93
CA ASN A 188 -14.32 -30.64 -33.06
C ASN A 188 -15.31 -29.83 -32.22
N LEU A 189 -15.00 -28.57 -31.98
CA LEU A 189 -15.89 -27.64 -31.22
C LEU A 189 -17.04 -27.18 -32.11
N VAL A 190 -18.24 -27.07 -31.52
CA VAL A 190 -19.37 -26.28 -32.09
C VAL A 190 -19.03 -24.81 -31.82
N THR A 191 -18.95 -23.97 -32.86
CA THR A 191 -18.63 -22.52 -32.78
C THR A 191 -19.71 -21.78 -31.96
N THR A 192 -19.36 -20.69 -31.28
CA THR A 192 -20.35 -19.77 -30.67
C THR A 192 -20.92 -18.79 -31.70
N ASN A 193 -20.28 -18.63 -32.87
CA ASN A 193 -20.65 -17.64 -33.90
C ASN A 193 -22.09 -17.81 -34.30
N GLY A 194 -22.83 -16.69 -34.35
CA GLY A 194 -24.28 -16.67 -34.66
C GLY A 194 -25.13 -16.68 -33.41
N GLU A 195 -24.67 -17.35 -32.33
CA GLU A 195 -25.46 -17.46 -31.06
C GLU A 195 -25.62 -16.05 -30.50
N LEU A 196 -26.87 -15.65 -30.20
CA LEU A 196 -27.18 -14.27 -29.74
C LEU A 196 -27.85 -14.31 -28.35
N ASN A 197 -28.22 -15.49 -27.86
CA ASN A 197 -28.88 -15.65 -26.55
C ASN A 197 -27.89 -16.08 -25.44
N SER A 198 -27.41 -17.32 -25.45
CA SER A 198 -26.35 -17.84 -24.56
C SER A 198 -25.85 -19.13 -25.19
N PHE A 199 -24.59 -19.43 -24.96
CA PHE A 199 -23.97 -20.69 -25.36
C PHE A 199 -23.65 -21.43 -24.08
N TRP A 200 -24.51 -22.37 -23.70
CA TRP A 200 -24.41 -23.10 -22.41
C TRP A 200 -23.25 -24.09 -22.48
N GLY A 201 -23.16 -24.87 -23.56
CA GLY A 201 -22.24 -26.01 -23.65
C GLY A 201 -22.74 -27.14 -22.79
N ASP A 202 -22.42 -28.38 -23.15
CA ASP A 202 -22.94 -29.58 -22.46
C ASP A 202 -21.78 -30.40 -21.91
N VAL A 203 -20.54 -30.03 -22.24
CA VAL A 203 -19.30 -30.73 -21.79
C VAL A 203 -18.55 -29.85 -20.82
N ILE A 204 -18.41 -30.28 -19.57
CA ILE A 204 -17.74 -29.49 -18.50
C ILE A 204 -16.25 -29.86 -18.49
N HIS A 205 -15.40 -28.85 -18.48
CA HIS A 205 -13.93 -28.94 -18.59
C HIS A 205 -13.35 -28.30 -17.33
N VAL A 206 -12.24 -28.86 -16.85
CA VAL A 206 -11.33 -28.15 -15.91
C VAL A 206 -9.97 -28.05 -16.59
N ASN A 207 -9.40 -26.85 -16.66
CA ASN A 207 -8.09 -26.59 -17.32
C ASN A 207 -8.05 -27.25 -18.72
N GLY A 208 -9.15 -27.15 -19.45
CA GLY A 208 -9.21 -27.45 -20.89
C GLY A 208 -9.60 -28.89 -21.14
N GLN A 209 -9.77 -29.69 -20.09
CA GLN A 209 -10.02 -31.17 -20.15
C GLN A 209 -11.44 -31.54 -19.68
N PRO A 210 -12.28 -32.18 -20.55
CA PRO A 210 -13.56 -32.73 -20.12
C PRO A 210 -13.39 -33.68 -18.95
N TRP A 211 -14.25 -33.52 -17.96
CA TRP A 211 -14.49 -34.47 -16.85
C TRP A 211 -13.21 -35.20 -16.46
N PRO A 212 -12.18 -34.50 -15.95
CA PRO A 212 -10.96 -35.16 -15.49
C PRO A 212 -11.10 -35.80 -14.10
N PHE A 213 -10.03 -36.45 -13.67
CA PHE A 213 -9.81 -36.89 -12.28
C PHE A 213 -8.44 -36.39 -11.85
N LYS A 214 -8.24 -36.37 -10.55
CA LYS A 214 -6.90 -36.13 -10.00
C LYS A 214 -6.73 -37.01 -8.76
N ASN A 215 -5.55 -37.60 -8.61
CA ASN A 215 -5.17 -38.32 -7.37
C ASN A 215 -4.79 -37.27 -6.35
N VAL A 216 -5.42 -37.29 -5.18
CA VAL A 216 -5.12 -36.31 -4.11
C VAL A 216 -4.72 -37.09 -2.86
N GLU A 217 -4.05 -36.41 -1.95
CA GLU A 217 -3.70 -36.98 -0.64
C GLU A 217 -4.79 -36.56 0.32
N PRO A 218 -5.04 -37.36 1.37
CA PRO A 218 -5.98 -36.97 2.41
C PRO A 218 -5.40 -35.78 3.22
N ARG A 219 -5.38 -34.59 2.62
CA ARG A 219 -4.96 -33.34 3.30
C ARG A 219 -5.58 -32.08 2.64
N LYS A 220 -5.11 -30.90 3.00
CA LYS A 220 -5.74 -29.63 2.56
C LYS A 220 -5.13 -29.20 1.23
N TYR A 221 -6.00 -28.79 0.31
CA TYR A 221 -5.59 -28.28 -1.01
C TYR A 221 -6.30 -26.95 -1.18
N ARG A 222 -5.60 -26.02 -1.80
CA ARG A 222 -6.13 -24.70 -2.21
C ARG A 222 -6.54 -24.85 -3.69
N PHE A 223 -7.80 -24.57 -4.01
CA PHE A 223 -8.33 -24.67 -5.39
C PHE A 223 -8.70 -23.25 -5.85
N ARG A 224 -8.09 -22.76 -6.94
CA ARG A 224 -8.38 -21.45 -7.52
C ARG A 224 -9.45 -21.66 -8.61
N PHE A 225 -10.70 -21.48 -8.24
CA PHE A 225 -11.85 -21.65 -9.20
C PHE A 225 -11.96 -20.37 -10.02
N LEU A 226 -12.05 -20.53 -11.33
CA LEU A 226 -12.33 -19.45 -12.32
C LEU A 226 -13.41 -19.96 -13.27
N ASP A 227 -14.50 -19.22 -13.41
CA ASP A 227 -15.53 -19.59 -14.42
C ASP A 227 -15.10 -18.86 -15.69
N ALA A 228 -14.39 -19.56 -16.56
CA ALA A 228 -13.94 -19.02 -17.85
C ALA A 228 -14.97 -19.44 -18.93
N ALA A 229 -16.17 -19.87 -18.55
CA ALA A 229 -17.23 -20.27 -19.52
C ALA A 229 -17.69 -19.06 -20.35
N VAL A 230 -18.23 -19.35 -21.54
CA VAL A 230 -18.91 -18.32 -22.36
C VAL A 230 -20.18 -17.90 -21.62
N SER A 231 -21.06 -18.86 -21.25
CA SER A 231 -22.39 -18.51 -20.69
C SER A 231 -22.77 -19.30 -19.44
N ARG A 232 -22.01 -20.31 -19.02
CA ARG A 232 -22.48 -21.20 -17.93
C ARG A 232 -22.02 -20.66 -16.58
N SER A 233 -23.00 -20.50 -15.69
CA SER A 233 -22.78 -20.29 -14.23
C SER A 233 -22.92 -21.63 -13.49
N PHE A 234 -22.24 -21.74 -12.36
CA PHE A 234 -22.20 -23.00 -11.61
C PHE A 234 -22.67 -22.78 -10.18
N GLY A 235 -23.20 -23.85 -9.59
CA GLY A 235 -23.33 -23.96 -8.14
C GLY A 235 -22.50 -25.13 -7.65
N LEU A 236 -21.27 -24.89 -7.21
CA LEU A 236 -20.27 -25.95 -7.01
C LEU A 236 -20.49 -26.56 -5.62
N TYR A 237 -20.42 -27.88 -5.53
CA TYR A 237 -20.36 -28.59 -4.23
C TYR A 237 -19.56 -29.87 -4.42
N PHE A 238 -19.04 -30.39 -3.31
CA PHE A 238 -18.24 -31.63 -3.29
C PHE A 238 -19.08 -32.71 -2.62
N ALA A 239 -19.12 -33.91 -3.19
CA ALA A 239 -19.82 -35.05 -2.58
C ALA A 239 -19.01 -36.32 -2.74
N ASP A 240 -19.04 -37.15 -1.71
CA ASP A 240 -18.44 -38.50 -1.65
C ASP A 240 -19.31 -39.35 -2.58
N THR A 241 -18.70 -40.15 -3.45
CA THR A 241 -19.46 -40.91 -4.47
C THR A 241 -20.37 -41.93 -3.76
N ASP A 242 -20.13 -42.27 -2.48
CA ASP A 242 -20.96 -43.19 -1.66
CA ASP A 242 -21.02 -43.22 -1.75
C ASP A 242 -22.20 -42.46 -1.15
N ALA A 243 -22.25 -41.14 -1.30
CA ALA A 243 -23.36 -40.27 -0.84
C ALA A 243 -23.32 -38.99 -1.70
N ILE A 244 -23.63 -39.18 -2.98
CA ILE A 244 -23.43 -38.25 -4.12
C ILE A 244 -24.22 -36.94 -3.94
N ASP A 245 -25.22 -36.90 -3.05
CA ASP A 245 -26.09 -35.72 -2.81
C ASP A 245 -25.72 -34.98 -1.53
N THR A 246 -24.90 -35.56 -0.65
CA THR A 246 -24.49 -34.95 0.65
C THR A 246 -23.28 -34.02 0.42
N ARG A 247 -23.50 -32.73 0.64
CA ARG A 247 -22.54 -31.63 0.34
C ARG A 247 -21.50 -31.56 1.46
N LEU A 248 -20.24 -31.64 1.11
CA LEU A 248 -19.14 -31.67 2.09
C LEU A 248 -18.67 -30.23 2.30
N PRO A 249 -18.49 -29.80 3.57
CA PRO A 249 -18.19 -28.41 3.84
C PRO A 249 -16.76 -28.08 3.38
N PHE A 250 -16.54 -26.81 3.08
CA PHE A 250 -15.20 -26.33 2.67
C PHE A 250 -15.10 -24.89 3.11
N LYS A 251 -13.99 -24.23 2.82
CA LYS A 251 -13.81 -22.80 3.17
C LYS A 251 -13.50 -22.03 1.90
N VAL A 252 -14.19 -20.92 1.73
CA VAL A 252 -13.78 -19.89 0.74
C VAL A 252 -12.84 -18.93 1.46
N ILE A 253 -11.66 -18.73 0.90
CA ILE A 253 -10.61 -17.85 1.48
C ILE A 253 -10.40 -16.62 0.63
N ALA A 254 -10.89 -16.61 -0.62
CA ALA A 254 -10.60 -15.46 -1.51
C ALA A 254 -11.68 -15.29 -2.57
N SER A 255 -11.94 -14.02 -2.92
CA SER A 255 -12.84 -13.59 -4.00
C SER A 255 -11.97 -12.91 -5.07
N ASP A 256 -12.60 -12.33 -6.08
CA ASP A 256 -11.93 -11.76 -7.28
C ASP A 256 -10.65 -10.99 -6.89
N SER A 257 -10.77 -10.10 -5.93
CA SER A 257 -9.77 -9.05 -5.58
C SER A 257 -8.76 -9.57 -4.54
N GLY A 258 -8.97 -10.78 -4.01
CA GLY A 258 -8.05 -11.37 -3.02
C GLY A 258 -8.76 -11.91 -1.82
N LEU A 259 -7.99 -12.05 -0.74
CA LEU A 259 -8.40 -12.78 0.49
C LEU A 259 -9.65 -12.17 1.09
N LEU A 260 -10.55 -13.01 1.64
CA LEU A 260 -11.64 -12.49 2.51
C LEU A 260 -11.05 -12.05 3.86
N GLU A 261 -11.80 -11.33 4.66
CA GLU A 261 -11.38 -10.93 6.02
C GLU A 261 -11.18 -12.21 6.85
N HIS A 262 -12.10 -13.16 6.68
CA HIS A 262 -12.10 -14.49 7.32
C HIS A 262 -12.58 -15.52 6.30
N PRO A 263 -12.18 -16.79 6.46
CA PRO A 263 -12.70 -17.86 5.62
C PRO A 263 -14.22 -17.92 5.74
N ALA A 264 -14.89 -18.25 4.66
CA ALA A 264 -16.36 -18.44 4.66
C ALA A 264 -16.65 -19.95 4.63
N ASP A 265 -17.21 -20.54 5.69
CA ASP A 265 -17.60 -21.97 5.69
CA ASP A 265 -17.58 -21.98 5.68
C ASP A 265 -18.78 -22.13 4.74
N THR A 266 -18.65 -22.99 3.77
CA THR A 266 -19.53 -23.05 2.59
C THR A 266 -19.65 -24.54 2.25
N SER A 267 -20.80 -24.96 1.76
CA SER A 267 -21.00 -26.31 1.16
C SER A 267 -21.55 -26.14 -0.26
N LEU A 268 -21.89 -24.92 -0.68
CA LEU A 268 -22.30 -24.68 -2.08
C LEU A 268 -21.77 -23.32 -2.55
N LEU A 269 -20.95 -23.34 -3.61
CA LEU A 269 -20.31 -22.12 -4.17
C LEU A 269 -21.00 -21.70 -5.49
N TYR A 270 -21.80 -20.64 -5.47
CA TYR A 270 -22.29 -19.92 -6.67
C TYR A 270 -21.09 -19.24 -7.31
N ILE A 271 -20.85 -19.54 -8.60
CA ILE A 271 -19.75 -18.93 -9.40
C ILE A 271 -20.23 -18.76 -10.84
N SER A 272 -20.26 -17.50 -11.26
CA SER A 272 -20.67 -17.06 -12.61
C SER A 272 -19.45 -16.56 -13.37
N MET A 273 -19.68 -16.23 -14.63
CA MET A 273 -18.61 -15.91 -15.60
C MET A 273 -17.73 -14.80 -15.05
N ALA A 274 -16.43 -15.10 -15.01
CA ALA A 274 -15.27 -14.22 -14.74
C ALA A 274 -15.01 -14.12 -13.24
N GLU A 275 -15.85 -14.70 -12.40
CA GLU A 275 -15.63 -14.67 -10.93
C GLU A 275 -14.52 -15.66 -10.59
N ARG A 276 -13.68 -15.30 -9.64
CA ARG A 276 -12.63 -16.20 -9.07
C ARG A 276 -12.94 -16.32 -7.58
N TYR A 277 -12.93 -17.55 -7.12
CA TYR A 277 -13.09 -17.90 -5.69
C TYR A 277 -12.01 -18.94 -5.39
N GLU A 278 -11.28 -18.72 -4.33
CA GLU A 278 -10.23 -19.64 -3.90
C GLU A 278 -10.77 -20.40 -2.69
N VAL A 279 -10.67 -21.72 -2.76
CA VAL A 279 -11.32 -22.67 -1.82
C VAL A 279 -10.19 -23.44 -1.12
N VAL A 280 -10.31 -23.71 0.17
CA VAL A 280 -9.54 -24.83 0.80
C VAL A 280 -10.52 -25.95 1.12
N PHE A 281 -10.27 -27.08 0.47
CA PHE A 281 -10.95 -28.36 0.71
C PHE A 281 -9.97 -29.29 1.44
N ASP A 282 -10.44 -29.82 2.58
CA ASP A 282 -9.65 -30.72 3.47
C ASP A 282 -10.09 -32.15 3.16
N PHE A 283 -9.27 -32.91 2.43
CA PHE A 283 -9.56 -34.32 2.07
C PHE A 283 -9.23 -35.28 3.24
N SER A 284 -8.75 -34.80 4.40
CA SER A 284 -8.19 -35.72 5.44
C SER A 284 -9.29 -36.66 5.95
N ASP A 285 -10.55 -36.23 6.02
CA ASP A 285 -11.70 -37.06 6.48
C ASP A 285 -12.17 -38.07 5.42
N TYR A 286 -11.56 -38.16 4.24
CA TYR A 286 -12.10 -38.98 3.13
C TYR A 286 -11.01 -39.84 2.51
N ALA A 287 -10.04 -40.26 3.32
CA ALA A 287 -8.97 -41.17 2.91
C ALA A 287 -9.59 -42.44 2.30
N GLY A 288 -9.15 -42.84 1.12
CA GLY A 288 -9.67 -44.02 0.39
C GLY A 288 -10.97 -43.75 -0.35
N LYS A 289 -11.58 -42.57 -0.21
CA LYS A 289 -12.87 -42.26 -0.90
C LYS A 289 -12.59 -41.59 -2.25
N THR A 290 -13.61 -41.49 -3.10
CA THR A 290 -13.64 -40.65 -4.32
C THR A 290 -14.62 -39.48 -4.03
N ILE A 291 -14.14 -38.24 -4.13
CA ILE A 291 -14.98 -37.02 -3.97
C ILE A 291 -15.28 -36.51 -5.37
N GLU A 292 -16.54 -36.27 -5.68
CA GLU A 292 -16.94 -35.70 -6.98
C GLU A 292 -17.23 -34.22 -6.75
N LEU A 293 -16.54 -33.37 -7.50
CA LEU A 293 -16.96 -31.98 -7.66
C LEU A 293 -18.17 -31.99 -8.60
N ARG A 294 -19.27 -31.42 -8.11
CA ARG A 294 -20.58 -31.46 -8.79
C ARG A 294 -21.09 -30.04 -8.96
N ASN A 295 -22.14 -29.93 -9.78
CA ASN A 295 -22.78 -28.65 -10.17
C ASN A 295 -24.29 -28.81 -9.99
N LEU A 296 -24.86 -27.87 -9.23
CA LEU A 296 -26.30 -27.69 -8.95
C LEU A 296 -27.07 -27.59 -10.26
N GLY A 297 -28.20 -28.29 -10.34
CA GLY A 297 -29.08 -28.28 -11.52
C GLY A 297 -30.27 -27.37 -11.27
N GLY A 298 -31.26 -27.49 -12.14
CA GLY A 298 -32.40 -26.58 -12.16
C GLY A 298 -31.95 -25.14 -12.34
N SER A 299 -31.05 -24.93 -13.28
CA SER A 299 -30.47 -23.60 -13.61
C SER A 299 -29.90 -22.98 -12.33
N ILE A 300 -28.87 -23.63 -11.79
CA ILE A 300 -28.15 -23.22 -10.54
C ILE A 300 -29.19 -22.96 -9.44
N GLY A 301 -29.99 -23.98 -9.17
CA GLY A 301 -31.00 -23.96 -8.08
C GLY A 301 -31.97 -22.82 -8.24
N GLY A 302 -32.37 -22.52 -9.48
CA GLY A 302 -33.35 -21.43 -9.75
C GLY A 302 -32.76 -20.02 -9.73
N ILE A 303 -31.45 -19.84 -9.55
CA ILE A 303 -30.81 -18.49 -9.57
C ILE A 303 -30.56 -18.08 -11.02
N GLY A 304 -30.31 -19.06 -11.90
CA GLY A 304 -29.98 -18.83 -13.30
C GLY A 304 -31.08 -19.25 -14.26
N THR A 305 -30.74 -19.27 -15.54
CA THR A 305 -31.61 -19.74 -16.65
C THR A 305 -30.88 -20.79 -17.49
N ASP A 306 -29.66 -21.18 -17.10
CA ASP A 306 -28.79 -22.08 -17.87
C ASP A 306 -29.50 -23.42 -18.13
N THR A 307 -29.39 -23.94 -19.36
CA THR A 307 -29.79 -25.32 -19.72
C THR A 307 -28.88 -26.30 -18.99
N ASP A 308 -29.48 -27.37 -18.46
CA ASP A 308 -28.78 -28.48 -17.78
C ASP A 308 -28.83 -29.68 -18.71
N TYR A 309 -27.69 -30.34 -18.95
CA TYR A 309 -27.62 -31.57 -19.78
C TYR A 309 -27.28 -32.76 -18.88
N ASP A 310 -27.19 -33.95 -19.49
CA ASP A 310 -27.05 -35.26 -18.79
C ASP A 310 -25.84 -35.23 -17.87
N ASN A 311 -24.76 -34.50 -18.22
CA ASN A 311 -23.46 -34.60 -17.50
C ASN A 311 -23.00 -33.24 -16.98
N THR A 312 -23.83 -32.19 -17.01
CA THR A 312 -23.39 -30.86 -16.56
C THR A 312 -23.49 -30.78 -15.03
N ASP A 313 -23.98 -31.81 -14.36
CA ASP A 313 -23.93 -31.97 -12.88
C ASP A 313 -22.55 -32.42 -12.45
N LYS A 314 -21.73 -32.86 -13.38
CA LYS A 314 -20.41 -33.47 -13.05
C LYS A 314 -19.33 -32.48 -13.47
N VAL A 315 -18.32 -32.26 -12.62
CA VAL A 315 -17.18 -31.39 -13.00
C VAL A 315 -15.92 -32.26 -13.07
N MET A 316 -15.50 -32.84 -11.94
CA MET A 316 -14.36 -33.80 -11.93
C MET A 316 -14.36 -34.66 -10.65
N ARG A 317 -13.44 -35.61 -10.60
CA ARG A 317 -13.33 -36.57 -9.46
C ARG A 317 -11.96 -36.45 -8.83
N PHE A 318 -11.91 -36.43 -7.50
CA PHE A 318 -10.69 -36.45 -6.69
C PHE A 318 -10.58 -37.83 -6.04
N VAL A 319 -9.53 -38.58 -6.34
CA VAL A 319 -9.35 -39.94 -5.78
C VAL A 319 -8.35 -39.78 -4.62
N VAL A 320 -8.86 -39.88 -3.38
CA VAL A 320 -8.14 -39.60 -2.10
C VAL A 320 -7.38 -40.85 -1.63
N ALA A 321 -6.05 -40.80 -1.61
CA ALA A 321 -5.15 -41.86 -1.09
C ALA A 321 -5.52 -42.17 0.37
N ASP A 322 -5.12 -43.38 0.83
CA ASP A 322 -5.23 -43.81 2.26
C ASP A 322 -4.34 -42.92 3.14
N ASP A 323 -3.19 -42.45 2.64
CA ASP A 323 -2.17 -41.77 3.45
C ASP A 323 -1.59 -40.53 2.74
N THR A 324 -1.02 -39.63 3.53
CA THR A 324 -0.11 -38.57 3.02
C THR A 324 1.28 -39.22 2.83
N THR A 325 2.03 -38.77 1.82
CA THR A 325 3.50 -38.90 1.65
C THR A 325 4.21 -38.24 2.84
N GLN A 326 3.74 -37.07 3.26
CA GLN A 326 4.35 -36.22 4.31
C GLN A 326 3.26 -35.47 5.08
N PRO A 327 3.55 -34.98 6.31
CA PRO A 327 2.56 -34.22 7.06
C PRO A 327 2.03 -33.01 6.28
N ASP A 328 0.72 -32.80 6.39
CA ASP A 328 0.09 -31.51 6.05
C ASP A 328 0.48 -30.49 7.11
N THR A 329 1.39 -29.56 6.80
CA THR A 329 1.80 -28.52 7.77
C THR A 329 1.11 -27.19 7.46
N SER A 330 0.12 -27.16 6.58
CA SER A 330 -0.63 -25.93 6.19
C SER A 330 -1.74 -25.73 7.19
N VAL A 331 -2.15 -24.46 7.34
CA VAL A 331 -3.36 -24.07 8.12
C VAL A 331 -4.26 -23.17 7.25
N VAL A 332 -5.46 -22.92 7.74
CA VAL A 332 -6.38 -21.86 7.23
C VAL A 332 -6.67 -20.93 8.41
N PRO A 333 -5.93 -19.83 8.52
CA PRO A 333 -6.14 -18.89 9.62
C PRO A 333 -7.55 -18.26 9.64
N ALA A 334 -8.10 -18.03 10.84
CA ALA A 334 -9.40 -17.39 11.04
C ALA A 334 -9.32 -15.92 10.59
N ASN A 335 -8.15 -15.30 10.75
CA ASN A 335 -7.92 -13.89 10.32
C ASN A 335 -6.95 -13.86 9.13
N LEU A 336 -7.47 -13.59 7.93
CA LEU A 336 -6.67 -13.68 6.68
C LEU A 336 -6.04 -12.31 6.38
N ARG A 337 -6.84 -11.25 6.36
CA ARG A 337 -6.30 -9.88 6.12
C ARG A 337 -7.35 -8.86 6.54
N ASP A 338 -6.90 -7.62 6.69
CA ASP A 338 -7.76 -6.42 6.70
C ASP A 338 -8.11 -6.10 5.23
N VAL A 339 -9.34 -6.36 4.82
CA VAL A 339 -9.80 -6.10 3.43
C VAL A 339 -9.86 -4.59 3.28
N PRO A 340 -9.18 -3.97 2.29
CA PRO A 340 -9.22 -2.51 2.14
C PRO A 340 -10.51 -1.94 1.52
N PHE A 341 -11.61 -2.01 2.27
CA PHE A 341 -12.97 -1.66 1.77
C PHE A 341 -13.00 -0.17 1.47
N PRO A 342 -13.82 0.33 0.52
CA PRO A 342 -13.94 1.77 0.32
C PRO A 342 -14.64 2.46 1.49
N SER A 343 -14.39 3.76 1.71
CA SER A 343 -15.14 4.54 2.72
CA SER A 343 -15.12 4.59 2.69
C SER A 343 -16.59 4.66 2.26
N PRO A 344 -17.56 4.14 3.05
CA PRO A 344 -18.97 4.11 2.65
C PRO A 344 -19.45 5.50 2.21
N THR A 345 -20.44 5.57 1.32
CA THR A 345 -20.89 6.85 0.71
C THR A 345 -22.40 6.89 0.80
N THR A 346 -22.96 8.09 0.91
CA THR A 346 -24.42 8.34 1.09
C THR A 346 -25.04 8.85 -0.23
N ASN A 347 -24.21 9.33 -1.16
CA ASN A 347 -24.66 9.83 -2.49
C ASN A 347 -25.51 8.76 -3.17
N THR A 348 -26.60 9.22 -3.81
CA THR A 348 -27.61 8.38 -4.49
C THR A 348 -26.88 7.53 -5.53
N PRO A 349 -27.10 6.20 -5.54
CA PRO A 349 -26.46 5.32 -6.51
C PRO A 349 -26.86 5.58 -7.98
N ARG A 350 -25.90 5.46 -8.89
CA ARG A 350 -26.18 5.43 -10.34
C ARG A 350 -26.97 4.14 -10.62
N GLN A 351 -27.86 4.16 -11.60
CA GLN A 351 -28.66 2.96 -11.96
C GLN A 351 -28.25 2.47 -13.35
N PHE A 352 -28.00 1.17 -13.45
CA PHE A 352 -27.68 0.54 -14.75
C PHE A 352 -28.59 -0.65 -14.91
N ARG A 353 -29.40 -0.63 -15.97
CA ARG A 353 -30.38 -1.71 -16.27
CA ARG A 353 -30.41 -1.68 -16.29
C ARG A 353 -29.84 -2.59 -17.39
N PHE A 354 -29.74 -3.88 -17.09
CA PHE A 354 -29.19 -4.94 -17.99
C PHE A 354 -30.38 -5.67 -18.58
N GLY A 355 -30.71 -5.27 -19.81
CA GLY A 355 -31.90 -5.78 -20.50
C GLY A 355 -31.65 -5.97 -21.98
N ARG A 356 -32.72 -5.93 -22.77
CA ARG A 356 -32.59 -6.02 -24.23
CA ARG A 356 -32.73 -6.12 -24.23
C ARG A 356 -33.47 -4.96 -24.89
N THR A 357 -32.93 -4.44 -25.98
CA THR A 357 -33.51 -3.44 -26.91
C THR A 357 -33.52 -4.16 -28.25
N GLY A 358 -34.68 -4.63 -28.68
CA GLY A 358 -34.82 -5.55 -29.82
C GLY A 358 -34.07 -6.86 -29.58
N PRO A 359 -33.23 -7.29 -30.56
CA PRO A 359 -32.40 -8.49 -30.41
C PRO A 359 -31.09 -8.30 -29.63
N THR A 360 -30.81 -7.08 -29.18
CA THR A 360 -29.50 -6.67 -28.60
C THR A 360 -29.60 -6.60 -27.07
N TRP A 361 -28.64 -7.23 -26.41
CA TRP A 361 -28.39 -7.01 -24.96
C TRP A 361 -27.81 -5.62 -24.74
N THR A 362 -28.41 -4.84 -23.83
CA THR A 362 -28.10 -3.41 -23.65
C THR A 362 -27.93 -3.07 -22.18
N ILE A 363 -27.27 -1.96 -21.92
CA ILE A 363 -27.22 -1.32 -20.58
C ILE A 363 -27.94 0.01 -20.72
N ASN A 364 -29.01 0.27 -19.96
CA ASN A 364 -29.78 1.54 -20.04
C ASN A 364 -30.19 1.80 -21.49
N GLY A 365 -30.55 0.77 -22.26
CA GLY A 365 -30.99 0.91 -23.67
C GLY A 365 -29.85 1.10 -24.67
N VAL A 366 -28.58 1.11 -24.25
CA VAL A 366 -27.45 1.41 -25.18
C VAL A 366 -26.62 0.13 -25.47
N ALA A 367 -26.23 -0.02 -26.73
CA ALA A 367 -25.28 -1.03 -27.22
C ALA A 367 -23.90 -0.38 -27.21
N PHE A 368 -22.85 -1.10 -26.80
CA PHE A 368 -21.45 -0.56 -26.78
C PHE A 368 -21.04 0.04 -28.14
N ALA A 369 -21.49 -0.56 -29.24
CA ALA A 369 -21.10 -0.10 -30.60
C ALA A 369 -21.66 1.33 -30.83
N ASP A 370 -22.65 1.79 -30.06
CA ASP A 370 -23.19 3.18 -30.20
C ASP A 370 -22.30 4.13 -29.40
N VAL A 371 -21.19 4.50 -30.02
CA VAL A 371 -20.11 5.32 -29.45
C VAL A 371 -20.70 6.59 -28.83
N GLN A 372 -21.62 7.23 -29.53
CA GLN A 372 -22.26 8.50 -29.11
C GLN A 372 -22.89 8.38 -27.72
N ASN A 373 -23.45 7.22 -27.36
CA ASN A 373 -24.29 7.05 -26.14
C ASN A 373 -23.65 6.11 -25.11
N ARG A 374 -22.54 5.44 -25.44
CA ARG A 374 -22.04 4.31 -24.60
CA ARG A 374 -21.90 4.32 -24.68
C ARG A 374 -21.26 4.81 -23.38
N LEU A 375 -20.91 6.11 -23.33
CA LEU A 375 -20.21 6.67 -22.14
C LEU A 375 -21.25 7.04 -21.07
N LEU A 376 -21.46 6.18 -20.09
CA LEU A 376 -22.66 6.25 -19.22
C LEU A 376 -22.33 6.93 -17.88
N ALA A 377 -21.05 7.22 -17.60
CA ALA A 377 -20.64 7.85 -16.32
C ALA A 377 -19.27 8.53 -16.42
N ASN A 378 -19.21 9.74 -15.89
CA ASN A 378 -17.95 10.47 -15.61
C ASN A 378 -17.78 10.48 -14.10
N VAL A 379 -16.68 9.92 -13.63
CA VAL A 379 -16.44 9.77 -12.16
C VAL A 379 -15.08 10.40 -11.86
N PRO A 380 -15.02 11.51 -11.10
CA PRO A 380 -13.71 12.09 -10.75
C PRO A 380 -12.89 11.04 -9.98
N VAL A 381 -11.65 10.79 -10.42
CA VAL A 381 -10.69 9.86 -9.75
C VAL A 381 -10.69 10.21 -8.27
N GLY A 382 -10.74 9.20 -7.41
CA GLY A 382 -10.77 9.41 -5.95
C GLY A 382 -12.18 9.31 -5.39
N THR A 383 -13.23 9.46 -6.19
CA THR A 383 -14.63 9.35 -5.74
C THR A 383 -14.98 7.91 -5.36
N VAL A 384 -15.82 7.74 -4.33
CA VAL A 384 -16.46 6.44 -4.00
C VAL A 384 -17.90 6.59 -4.52
N GLU A 385 -18.35 5.67 -5.37
CA GLU A 385 -19.74 5.70 -5.86
C GLU A 385 -20.38 4.34 -5.61
N ARG A 386 -21.68 4.35 -5.33
CA ARG A 386 -22.52 3.15 -5.40
C ARG A 386 -23.20 3.10 -6.76
N TRP A 387 -23.15 1.93 -7.42
CA TRP A 387 -23.91 1.65 -8.65
C TRP A 387 -24.92 0.56 -8.34
N GLU A 388 -26.17 0.81 -8.70
CA GLU A 388 -27.26 -0.16 -8.55
C GLU A 388 -27.37 -0.84 -9.92
N LEU A 389 -27.09 -2.14 -9.92
CA LEU A 389 -27.01 -3.02 -11.12
C LEU A 389 -28.28 -3.88 -11.15
N ILE A 390 -29.15 -3.55 -12.11
CA ILE A 390 -30.55 -4.03 -12.12
C ILE A 390 -30.72 -5.03 -13.26
N ASN A 391 -31.13 -6.25 -12.93
CA ASN A 391 -31.67 -7.26 -13.88
C ASN A 391 -33.17 -7.42 -13.59
N ALA A 392 -34.03 -6.73 -14.35
CA ALA A 392 -35.50 -6.81 -14.19
C ALA A 392 -36.00 -8.12 -14.80
N GLY A 393 -35.14 -8.81 -15.55
CA GLY A 393 -35.52 -9.98 -16.34
C GLY A 393 -35.58 -11.24 -15.51
N ASN A 394 -36.48 -12.12 -15.90
CA ASN A 394 -36.54 -13.51 -15.42
C ASN A 394 -35.86 -14.44 -16.42
N GLY A 395 -35.71 -14.03 -17.67
CA GLY A 395 -35.31 -14.94 -18.76
C GLY A 395 -33.82 -14.87 -19.06
N TRP A 396 -33.07 -14.09 -18.30
CA TRP A 396 -31.59 -13.94 -18.45
C TRP A 396 -30.95 -13.60 -17.10
N THR A 397 -29.66 -13.86 -16.97
CA THR A 397 -28.85 -13.47 -15.80
C THR A 397 -27.54 -12.90 -16.34
N HIS A 398 -26.97 -11.97 -15.56
CA HIS A 398 -25.91 -11.05 -15.99
C HIS A 398 -24.88 -10.92 -14.89
N PRO A 399 -23.70 -11.61 -14.96
CA PRO A 399 -22.57 -11.25 -14.11
C PRO A 399 -21.88 -9.99 -14.63
N ILE A 400 -21.97 -8.92 -13.84
CA ILE A 400 -21.49 -7.59 -14.24
C ILE A 400 -20.05 -7.44 -13.76
N HIS A 401 -19.19 -7.06 -14.70
CA HIS A 401 -17.77 -6.73 -14.47
C HIS A 401 -17.55 -5.23 -14.68
N ILE A 402 -16.93 -4.59 -13.69
CA ILE A 402 -16.46 -3.18 -13.75
C ILE A 402 -14.92 -3.22 -13.79
N HIS A 403 -14.34 -2.78 -14.89
CA HIS A 403 -12.88 -2.59 -15.05
C HIS A 403 -12.38 -1.54 -14.05
N LEU A 404 -11.06 -1.48 -13.85
CA LEU A 404 -10.28 -0.56 -12.97
C LEU A 404 -10.46 -0.93 -11.49
N VAL A 405 -11.69 -0.98 -11.02
CA VAL A 405 -12.04 -1.00 -9.57
C VAL A 405 -12.06 -2.42 -8.98
N ASP A 406 -11.83 -2.47 -7.67
CA ASP A 406 -12.36 -3.50 -6.75
C ASP A 406 -13.62 -2.91 -6.11
N PHE A 407 -14.68 -3.70 -5.94
CA PHE A 407 -15.88 -3.18 -5.22
C PHE A 407 -16.35 -4.10 -4.09
N LYS A 408 -17.16 -3.51 -3.21
CA LYS A 408 -17.90 -4.25 -2.18
C LYS A 408 -19.35 -4.49 -2.64
N VAL A 409 -19.85 -5.69 -2.49
CA VAL A 409 -21.29 -6.01 -2.74
C VAL A 409 -22.05 -5.53 -1.51
N ILE A 410 -22.84 -4.45 -1.63
CA ILE A 410 -23.61 -3.84 -0.52
C ILE A 410 -24.91 -4.62 -0.29
N SER A 411 -25.63 -4.95 -1.36
CA SER A 411 -26.99 -5.50 -1.25
C SER A 411 -27.33 -6.33 -2.49
N ARG A 412 -28.13 -7.37 -2.31
CA ARG A 412 -28.86 -8.02 -3.41
C ARG A 412 -30.33 -8.07 -2.99
N THR A 413 -31.21 -7.77 -3.94
CA THR A 413 -32.63 -8.19 -3.87
C THR A 413 -32.92 -9.18 -5.02
N SER A 414 -33.96 -9.99 -4.84
CA SER A 414 -34.41 -11.03 -5.80
C SER A 414 -35.92 -10.93 -5.95
N GLY A 415 -36.40 -10.71 -7.17
CA GLY A 415 -37.84 -10.73 -7.43
C GLY A 415 -38.43 -12.13 -7.30
N ASN A 416 -37.59 -13.19 -7.20
CA ASN A 416 -38.04 -14.57 -6.90
C ASN A 416 -37.71 -14.91 -5.45
N ASN A 417 -37.39 -13.90 -4.64
CA ASN A 417 -37.08 -14.04 -3.19
C ASN A 417 -36.07 -15.19 -3.00
N ALA A 418 -35.05 -15.30 -3.86
CA ALA A 418 -34.15 -16.49 -3.91
C ALA A 418 -33.00 -16.39 -2.90
N ARG A 419 -32.52 -15.18 -2.61
CA ARG A 419 -31.26 -14.97 -1.86
C ARG A 419 -30.99 -13.48 -1.76
N THR A 420 -30.08 -13.11 -0.87
CA THR A 420 -29.47 -11.75 -0.78
C THR A 420 -27.95 -11.93 -1.00
N VAL A 421 -27.14 -11.27 -0.17
CA VAL A 421 -25.68 -11.28 -0.35
C VAL A 421 -25.14 -12.61 0.20
N MET A 422 -24.16 -13.22 -0.47
CA MET A 422 -23.57 -14.50 -0.05
C MET A 422 -22.39 -14.21 0.88
N PRO A 423 -22.06 -15.12 1.82
CA PRO A 423 -20.94 -14.93 2.74
C PRO A 423 -19.59 -14.76 2.02
N TYR A 424 -19.37 -15.46 0.89
CA TYR A 424 -18.12 -15.37 0.06
C TYR A 424 -18.09 -14.06 -0.77
N GLU A 425 -19.17 -13.26 -0.71
CA GLU A 425 -19.26 -11.89 -1.28
C GLU A 425 -18.90 -10.83 -0.22
N SER A 426 -18.38 -11.25 0.93
CA SER A 426 -18.06 -10.42 2.11
C SER A 426 -16.90 -9.48 1.83
N GLY A 427 -16.04 -9.86 0.87
CA GLY A 427 -14.77 -9.18 0.62
C GLY A 427 -14.84 -8.25 -0.57
N LEU A 428 -13.78 -8.19 -1.37
CA LEU A 428 -13.76 -7.33 -2.57
C LEU A 428 -13.84 -8.18 -3.82
N LYS A 429 -14.61 -7.67 -4.78
CA LYS A 429 -14.94 -8.41 -6.03
C LYS A 429 -14.81 -7.46 -7.22
N ASP A 430 -14.81 -7.98 -8.44
CA ASP A 430 -14.84 -7.08 -9.63
C ASP A 430 -15.91 -7.59 -10.60
N VAL A 431 -16.57 -8.67 -10.21
CA VAL A 431 -17.72 -9.27 -10.93
C VAL A 431 -18.80 -9.61 -9.91
N VAL A 432 -20.06 -9.41 -10.27
CA VAL A 432 -21.14 -9.83 -9.36
C VAL A 432 -22.26 -10.37 -10.25
N TRP A 433 -22.79 -11.50 -9.85
CA TRP A 433 -23.88 -12.16 -10.57
C TRP A 433 -25.24 -11.55 -10.23
N LEU A 434 -25.90 -10.90 -11.22
CA LEU A 434 -27.35 -10.60 -11.15
C LEU A 434 -28.09 -11.83 -11.65
N GLY A 435 -28.49 -12.69 -10.70
CA GLY A 435 -29.40 -13.80 -10.98
C GLY A 435 -30.74 -13.28 -11.50
N ARG A 436 -31.68 -14.20 -11.75
CA ARG A 436 -33.05 -13.90 -12.24
C ARG A 436 -33.70 -12.84 -11.32
N ARG A 437 -34.11 -11.71 -11.91
CA ARG A 437 -34.79 -10.59 -11.22
C ARG A 437 -33.95 -10.11 -10.02
N GLU A 438 -32.63 -10.06 -10.16
CA GLU A 438 -31.82 -9.55 -9.05
C GLU A 438 -31.35 -8.14 -9.34
N THR A 439 -31.30 -7.36 -8.26
CA THR A 439 -30.68 -6.03 -8.25
C THR A 439 -29.56 -6.05 -7.22
N VAL A 440 -28.35 -5.65 -7.58
CA VAL A 440 -27.20 -5.61 -6.61
C VAL A 440 -26.68 -4.19 -6.59
N VAL A 441 -26.37 -3.69 -5.41
CA VAL A 441 -25.70 -2.37 -5.22
C VAL A 441 -24.27 -2.66 -4.85
N VAL A 442 -23.34 -2.07 -5.59
CA VAL A 442 -21.88 -2.24 -5.32
C VAL A 442 -21.38 -0.85 -4.96
N GLU A 443 -20.30 -0.82 -4.19
CA GLU A 443 -19.59 0.41 -3.79
C GLU A 443 -18.13 0.24 -4.18
N ALA A 444 -17.58 1.23 -4.87
CA ALA A 444 -16.18 1.15 -5.36
C ALA A 444 -15.50 2.50 -5.22
N HIS A 445 -14.20 2.46 -4.97
CA HIS A 445 -13.29 3.63 -5.08
C HIS A 445 -12.78 3.67 -6.52
N TYR A 446 -13.16 4.72 -7.27
CA TYR A 446 -12.77 4.93 -8.69
C TYR A 446 -11.39 5.58 -8.66
N ALA A 447 -10.41 4.73 -8.42
CA ALA A 447 -9.00 5.11 -8.14
C ALA A 447 -8.11 3.96 -8.60
N PRO A 448 -6.79 4.22 -8.78
CA PRO A 448 -6.24 5.56 -8.68
C PRO A 448 -5.86 6.26 -9.99
N PHE A 449 -6.25 5.71 -11.13
CA PHE A 449 -5.76 6.18 -12.46
C PHE A 449 -6.92 6.75 -13.28
N PRO A 450 -6.78 7.96 -13.87
CA PRO A 450 -7.77 8.45 -14.82
C PRO A 450 -7.75 7.64 -16.12
N GLY A 451 -8.90 7.51 -16.76
CA GLY A 451 -8.97 6.91 -18.09
C GLY A 451 -10.37 6.44 -18.40
N VAL A 452 -10.57 6.04 -19.67
CA VAL A 452 -11.85 5.45 -20.14
C VAL A 452 -11.74 3.94 -20.02
N TYR A 453 -12.71 3.34 -19.33
CA TYR A 453 -12.76 1.90 -18.98
C TYR A 453 -14.16 1.37 -19.30
N MET A 454 -14.20 0.05 -19.55
CA MET A 454 -15.45 -0.71 -19.81
C MET A 454 -16.06 -1.25 -18.52
N PHE A 455 -17.36 -1.42 -18.56
CA PHE A 455 -18.13 -2.29 -17.65
C PHE A 455 -19.19 -2.99 -18.50
N HIS A 456 -19.54 -4.20 -18.11
CA HIS A 456 -20.34 -5.06 -18.99
C HIS A 456 -20.77 -6.31 -18.25
N CYS A 457 -21.75 -6.96 -18.85
CA CYS A 457 -22.01 -8.36 -18.54
C CYS A 457 -20.86 -9.23 -19.06
N HIS A 458 -20.51 -10.28 -18.30
CA HIS A 458 -19.42 -11.21 -18.64
C HIS A 458 -20.01 -12.49 -19.17
N ASN A 459 -21.33 -12.51 -19.40
CA ASN A 459 -21.87 -13.51 -20.38
C ASN A 459 -21.33 -13.05 -21.76
N LEU A 460 -20.36 -13.78 -22.31
CA LEU A 460 -19.59 -13.33 -23.51
C LEU A 460 -20.52 -13.18 -24.74
N ILE A 461 -21.62 -13.96 -24.82
CA ILE A 461 -22.65 -13.81 -25.91
C ILE A 461 -23.32 -12.44 -25.75
N HIS A 462 -23.70 -12.10 -24.52
CA HIS A 462 -24.35 -10.83 -24.16
C HIS A 462 -23.37 -9.68 -24.39
N GLU A 463 -22.15 -9.83 -23.89
CA GLU A 463 -21.05 -8.88 -24.02
C GLU A 463 -20.88 -8.45 -25.49
N ASP A 464 -20.72 -9.42 -26.37
CA ASP A 464 -20.46 -9.23 -27.81
C ASP A 464 -21.66 -8.53 -28.49
N HIS A 465 -22.89 -8.74 -28.02
CA HIS A 465 -24.09 -8.27 -28.76
C HIS A 465 -25.16 -7.78 -27.81
N ASP A 466 -24.95 -6.64 -27.09
CA ASP A 466 -23.77 -5.76 -27.13
C ASP A 466 -23.72 -5.10 -25.74
N MET A 467 -23.75 -5.93 -24.70
CA MET A 467 -24.08 -5.53 -23.32
C MET A 467 -22.83 -5.01 -22.59
N MET A 468 -22.41 -3.81 -22.96
CA MET A 468 -21.13 -3.24 -22.52
C MET A 468 -21.24 -1.74 -22.74
N ALA A 469 -20.61 -0.98 -21.85
CA ALA A 469 -20.65 0.51 -21.80
C ALA A 469 -19.31 0.96 -21.23
N ALA A 470 -19.14 2.26 -21.06
CA ALA A 470 -17.87 2.84 -20.60
C ALA A 470 -18.18 3.83 -19.50
N PHE A 471 -17.15 4.04 -18.72
CA PHE A 471 -17.08 5.15 -17.77
C PHE A 471 -15.73 5.80 -18.00
N ASN A 472 -15.64 7.07 -17.63
CA ASN A 472 -14.41 7.88 -17.60
C ASN A 472 -14.14 8.23 -16.13
N ALA A 473 -13.01 7.76 -15.63
CA ALA A 473 -12.44 8.24 -14.36
C ALA A 473 -11.63 9.49 -14.69
N THR A 474 -12.15 10.66 -14.32
CA THR A 474 -11.67 11.98 -14.82
C THR A 474 -10.72 12.65 -13.82
N VAL A 475 -9.84 13.49 -14.33
CA VAL A 475 -8.94 14.38 -13.56
C VAL A 475 -8.99 15.78 -14.17
N LEU A 476 -8.54 16.78 -13.40
CA LEU A 476 -8.45 18.20 -13.85
C LEU A 476 -7.20 18.39 -14.68
N PRO A 477 -7.17 19.42 -15.55
CA PRO A 477 -6.03 19.64 -16.46
C PRO A 477 -4.65 19.68 -15.80
N ASP A 478 -4.57 19.90 -14.49
CA ASP A 478 -3.33 20.16 -13.68
C ASP A 478 -2.88 18.92 -12.90
N TYR A 479 -3.56 17.78 -13.06
CA TYR A 479 -3.39 16.55 -12.24
C TYR A 479 -1.95 15.99 -12.36
N GLY A 480 -1.41 15.97 -13.57
CA GLY A 480 -0.02 15.56 -13.86
C GLY A 480 0.06 14.09 -14.24
N TYR A 481 1.13 13.41 -13.81
CA TYR A 481 1.36 11.97 -14.03
C TYR A 481 1.08 11.60 -15.49
N ASN A 482 1.36 12.51 -16.43
CA ASN A 482 1.31 12.20 -17.87
C ASN A 482 -0.10 11.75 -18.27
N ALA A 483 -1.13 12.27 -17.60
CA ALA A 483 -2.52 11.81 -17.79
C ALA A 483 -2.90 12.00 -19.26
N THR A 484 -2.35 13.01 -19.94
CA THR A 484 -2.77 13.33 -21.33
C THR A 484 -2.45 12.14 -22.24
N VAL A 485 -1.45 11.31 -21.95
CA VAL A 485 -1.15 10.14 -22.86
C VAL A 485 -1.71 8.83 -22.29
N PHE A 486 -2.38 8.83 -21.14
CA PHE A 486 -2.85 7.57 -20.50
C PHE A 486 -4.37 7.47 -20.35
N VAL A 487 -5.17 8.51 -20.68
CA VAL A 487 -6.66 8.54 -20.45
C VAL A 487 -7.41 7.92 -21.66
N ASP A 488 -6.86 8.05 -22.87
CA ASP A 488 -7.48 7.52 -24.12
C ASP A 488 -6.94 6.12 -24.40
N PRO A 489 -7.74 5.03 -24.38
CA PRO A 489 -7.20 3.67 -24.56
C PRO A 489 -6.58 3.42 -25.95
N MET A 490 -6.99 4.24 -26.92
CA MET A 490 -6.55 4.21 -28.35
C MET A 490 -5.34 5.11 -28.62
N GLU A 491 -4.68 5.67 -27.58
CA GLU A 491 -3.46 6.52 -27.69
C GLU A 491 -2.42 5.80 -28.56
N GLU A 492 -1.92 6.51 -29.58
CA GLU A 492 -1.10 5.93 -30.67
C GLU A 492 0.24 5.45 -30.10
N LEU A 493 0.80 6.12 -29.08
CA LEU A 493 2.03 5.61 -28.43
C LEU A 493 1.89 4.14 -28.05
N TRP A 494 0.69 3.66 -27.63
CA TRP A 494 0.55 2.33 -26.98
C TRP A 494 -0.13 1.34 -27.93
N GLN A 495 -0.40 1.75 -29.17
CA GLN A 495 -1.09 0.91 -30.18
C GLN A 495 -0.19 -0.25 -30.61
N ALA A 496 -0.81 -1.32 -31.08
CA ALA A 496 -0.13 -2.47 -31.70
C ALA A 496 0.75 -1.99 -32.85
N ARG A 497 1.70 -2.84 -33.27
CA ARG A 497 2.75 -2.53 -34.26
C ARG A 497 2.94 -3.76 -35.13
N PRO A 498 3.14 -3.60 -36.45
CA PRO A 498 3.33 -4.75 -37.33
C PRO A 498 4.69 -5.38 -37.04
N TYR A 499 4.85 -6.68 -37.29
CA TYR A 499 6.14 -7.40 -37.20
C TYR A 499 6.25 -8.36 -38.40
N GLU A 500 7.46 -8.81 -38.71
CA GLU A 500 7.71 -9.88 -39.72
C GLU A 500 7.92 -11.19 -38.95
N LEU A 501 7.35 -12.30 -39.41
CA LEU A 501 7.40 -13.57 -38.61
C LEU A 501 8.87 -14.02 -38.43
N GLY A 502 9.70 -13.73 -39.43
CA GLY A 502 11.14 -14.06 -39.43
C GLY A 502 11.84 -13.43 -38.24
N GLU A 503 11.57 -12.14 -37.98
CA GLU A 503 12.26 -11.40 -36.89
CA GLU A 503 12.16 -11.34 -36.87
C GLU A 503 11.85 -12.02 -35.55
N PHE A 504 10.58 -12.40 -35.36
CA PHE A 504 10.08 -13.02 -34.11
C PHE A 504 10.80 -14.37 -33.88
N GLN A 505 10.91 -15.21 -34.91
CA GLN A 505 11.48 -16.57 -34.79
C GLN A 505 13.01 -16.49 -34.60
N ALA A 506 13.69 -15.51 -35.19
CA ALA A 506 15.16 -15.29 -35.05
C ALA A 506 15.44 -14.35 -33.87
N GLN A 507 14.39 -13.80 -33.23
CA GLN A 507 14.51 -12.79 -32.13
C GLN A 507 15.48 -11.71 -32.61
N SER A 508 15.21 -11.14 -33.78
CA SER A 508 16.06 -10.08 -34.38
C SER A 508 15.16 -8.88 -34.56
N GLY A 509 15.69 -7.80 -35.16
CA GLY A 509 14.94 -6.55 -35.41
C GLY A 509 14.29 -6.01 -34.15
N GLN A 510 12.97 -5.86 -34.19
CA GLN A 510 12.11 -5.39 -33.07
C GLN A 510 12.17 -6.36 -31.90
N PHE A 511 12.61 -7.61 -32.14
CA PHE A 511 12.69 -8.69 -31.12
C PHE A 511 14.11 -8.86 -30.59
N SER A 512 15.08 -8.08 -31.08
CA SER A 512 16.45 -8.09 -30.51
C SER A 512 16.37 -7.58 -29.06
N VAL A 513 17.23 -8.11 -28.21
CA VAL A 513 17.42 -7.66 -26.80
C VAL A 513 17.56 -6.13 -26.80
N GLN A 514 18.30 -5.57 -27.75
CA GLN A 514 18.48 -4.09 -27.84
C GLN A 514 17.15 -3.39 -28.14
N ALA A 515 16.38 -3.81 -29.14
CA ALA A 515 15.10 -3.12 -29.49
C ALA A 515 14.09 -3.26 -28.33
N VAL A 516 14.02 -4.45 -27.73
CA VAL A 516 13.06 -4.73 -26.61
C VAL A 516 13.44 -3.77 -25.48
N THR A 517 14.73 -3.76 -25.11
CA THR A 517 15.28 -2.86 -24.07
C THR A 517 14.92 -1.39 -24.36
N GLU A 518 15.17 -0.89 -25.57
CA GLU A 518 14.86 0.53 -25.92
C GLU A 518 13.34 0.79 -25.81
N ARG A 519 12.50 -0.07 -26.37
CA ARG A 519 11.02 0.06 -26.33
C ARG A 519 10.54 0.13 -24.86
N ILE A 520 10.88 -0.86 -24.02
CA ILE A 520 10.45 -0.89 -22.59
C ILE A 520 10.96 0.34 -21.82
N GLN A 521 12.24 0.72 -22.00
CA GLN A 521 12.84 1.89 -21.32
C GLN A 521 12.05 3.14 -21.72
N THR A 522 11.69 3.27 -22.99
CA THR A 522 10.89 4.41 -23.48
C THR A 522 9.50 4.40 -22.82
N MET A 523 8.84 3.24 -22.78
CA MET A 523 7.49 3.11 -22.17
C MET A 523 7.60 3.50 -20.68
N ALA A 524 8.61 3.02 -19.98
CA ALA A 524 8.82 3.18 -18.53
C ALA A 524 9.02 4.65 -18.15
N GLU A 525 9.62 5.45 -19.04
CA GLU A 525 9.95 6.90 -18.85
CA GLU A 525 9.95 6.88 -18.76
C GLU A 525 8.66 7.71 -18.64
N TYR A 526 7.56 7.27 -19.26
CA TYR A 526 6.24 7.96 -19.14
C TYR A 526 5.62 7.75 -17.77
N ARG A 527 6.09 6.74 -17.03
CA ARG A 527 5.74 6.45 -15.61
C ARG A 527 4.23 6.18 -15.48
N PRO A 528 3.73 5.09 -16.11
CA PRO A 528 2.29 4.79 -16.16
C PRO A 528 1.58 4.61 -14.80
N TYR A 529 2.31 4.17 -13.76
CA TYR A 529 1.70 3.66 -12.50
C TYR A 529 2.19 4.50 -11.31
N ALA A 530 2.96 5.57 -11.53
CA ALA A 530 3.54 6.45 -10.47
C ALA A 530 2.47 6.97 -9.50
N ALA A 531 1.24 7.24 -9.94
CA ALA A 531 0.23 7.86 -9.05
C ALA A 531 -0.13 6.87 -7.95
N ALA A 532 0.22 5.59 -8.06
CA ALA A 532 -0.10 4.62 -6.99
C ALA A 532 1.12 4.39 -6.10
N ASP A 533 2.23 5.10 -6.35
CA ASP A 533 3.37 5.18 -5.38
C ASP A 533 2.86 5.79 -4.06
N GLU A 534 3.06 5.09 -2.94
CA GLU A 534 2.38 5.26 -1.62
C GLU A 534 3.36 5.81 -0.57
N VAL B 1 35.39 25.67 22.64
CA VAL B 1 35.45 26.48 23.91
C VAL B 1 35.28 25.54 25.11
N ALA B 2 35.63 26.00 26.32
CA ALA B 2 35.73 25.12 27.50
C ALA B 2 34.34 24.53 27.79
N GLN B 3 34.29 23.22 27.99
CA GLN B 3 33.07 22.60 28.55
C GLN B 3 32.68 23.37 29.82
N ILE B 4 31.38 23.56 30.05
CA ILE B 4 30.88 24.19 31.31
C ILE B 4 30.40 23.08 32.23
N SER B 5 29.67 22.09 31.70
CA SER B 5 29.13 20.96 32.47
C SER B 5 30.30 20.23 33.13
N PRO B 6 30.10 19.62 34.32
CA PRO B 6 31.14 18.80 34.95
C PRO B 6 31.68 17.74 33.99
N GLN B 7 32.89 17.28 34.28
CA GLN B 7 33.59 16.25 33.48
C GLN B 7 32.77 14.98 33.58
N TYR B 8 32.62 14.28 32.48
CA TYR B 8 31.80 13.07 32.37
C TYR B 8 32.69 11.87 32.06
N PRO B 9 32.46 10.69 32.68
CA PRO B 9 33.29 9.51 32.39
C PRO B 9 32.87 8.97 31.00
N MET B 10 33.53 9.49 29.96
CA MET B 10 33.14 9.32 28.53
C MET B 10 33.17 7.85 28.16
N PHE B 11 32.18 7.37 27.39
CA PHE B 11 32.13 6.01 26.77
C PHE B 11 32.23 4.89 27.82
N THR B 12 31.61 5.05 29.00
CA THR B 12 31.68 4.04 30.11
C THR B 12 30.31 3.42 30.37
N VAL B 13 29.23 4.10 29.95
CA VAL B 13 27.85 3.56 30.09
C VAL B 13 27.35 3.05 28.75
N PRO B 14 26.80 1.81 28.69
CA PRO B 14 26.20 1.31 27.46
C PRO B 14 25.02 2.15 26.98
N LEU B 15 24.87 2.21 25.65
CA LEU B 15 23.77 2.90 24.95
C LEU B 15 22.44 2.32 25.45
N PRO B 16 21.56 3.12 26.11
CA PRO B 16 20.21 2.65 26.40
C PRO B 16 19.36 2.48 25.13
N ILE B 17 18.41 1.56 25.19
CA ILE B 17 17.43 1.31 24.10
C ILE B 17 16.06 1.51 24.75
N PRO B 18 15.32 2.61 24.44
CA PRO B 18 13.96 2.77 24.98
C PRO B 18 13.10 1.52 24.78
N PRO B 19 12.30 1.06 25.77
CA PRO B 19 11.47 -0.13 25.59
C PRO B 19 10.37 0.15 24.56
N VAL B 20 9.82 -0.89 23.94
CA VAL B 20 8.67 -0.76 23.01
C VAL B 20 7.48 -0.40 23.90
N LYS B 21 6.64 0.50 23.43
CA LYS B 21 5.32 0.79 24.02
C LYS B 21 4.31 -0.27 23.51
N GLN B 22 3.70 -1.02 24.44
CA GLN B 22 2.59 -1.98 24.16
C GLN B 22 1.24 -1.27 24.34
N PRO B 23 0.27 -1.51 23.42
CA PRO B 23 -1.07 -0.96 23.56
C PRO B 23 -1.78 -1.63 24.74
N ARG B 24 -2.69 -0.93 25.42
CA ARG B 24 -3.41 -1.50 26.59
C ARG B 24 -4.56 -2.38 26.10
N LEU B 25 -5.13 -2.11 24.92
CA LEU B 25 -6.19 -2.98 24.34
C LEU B 25 -6.47 -2.59 22.89
N THR B 26 -7.31 -3.38 22.21
CA THR B 26 -7.75 -3.18 20.81
C THR B 26 -9.27 -3.00 20.82
N VAL B 27 -9.77 -2.14 19.95
CA VAL B 27 -11.21 -1.80 19.84
C VAL B 27 -11.58 -1.92 18.36
N THR B 28 -12.72 -2.53 18.05
CA THR B 28 -13.18 -2.72 16.65
C THR B 28 -13.72 -1.39 16.10
N ASN B 29 -13.29 -1.04 14.89
CA ASN B 29 -13.72 0.20 14.19
C ASN B 29 -15.10 -0.10 13.59
N PRO B 30 -16.20 0.46 14.16
CA PRO B 30 -17.55 0.17 13.65
C PRO B 30 -17.75 0.32 12.13
N VAL B 31 -16.96 1.17 11.45
CA VAL B 31 -17.20 1.57 10.03
C VAL B 31 -16.69 0.49 9.05
N ASN B 32 -15.73 -0.36 9.45
CA ASN B 32 -15.03 -1.36 8.58
C ASN B 32 -14.60 -2.66 9.32
N GLY B 33 -14.90 -2.81 10.62
CA GLY B 33 -14.61 -4.04 11.39
C GLY B 33 -13.20 -4.06 11.99
N GLN B 34 -12.20 -3.53 11.28
CA GLN B 34 -10.75 -3.46 11.69
C GLN B 34 -10.59 -3.08 13.18
N GLU B 35 -9.63 -3.71 13.88
CA GLU B 35 -9.20 -3.38 15.28
C GLU B 35 -8.34 -2.10 15.29
N ILE B 36 -8.53 -1.26 16.32
CA ILE B 36 -7.82 0.03 16.61
C ILE B 36 -7.00 -0.13 17.89
N TRP B 37 -5.69 0.11 17.85
CA TRP B 37 -4.81 -0.08 19.03
C TRP B 37 -4.89 1.14 19.94
N TYR B 38 -5.15 0.90 21.22
CA TYR B 38 -5.35 1.95 22.25
C TYR B 38 -4.16 1.88 23.19
N TYR B 39 -3.50 3.02 23.43
CA TYR B 39 -2.39 3.13 24.41
C TYR B 39 -2.71 4.22 25.46
N GLU B 40 -2.03 4.17 26.60
CA GLU B 40 -2.05 5.19 27.66
C GLU B 40 -0.62 5.65 27.97
N VAL B 41 -0.38 6.95 27.87
CA VAL B 41 0.94 7.52 28.19
C VAL B 41 0.70 8.58 29.27
N GLU B 42 1.42 8.41 30.37
CA GLU B 42 1.36 9.26 31.57
C GLU B 42 2.60 10.15 31.56
N ILE B 43 2.39 11.45 31.34
CA ILE B 43 3.48 12.46 31.43
C ILE B 43 3.70 12.72 32.93
N LYS B 44 4.90 12.45 33.45
CA LYS B 44 5.16 12.59 34.89
C LYS B 44 6.62 12.90 35.15
N PRO B 45 6.90 13.67 36.22
CA PRO B 45 8.27 13.95 36.60
C PRO B 45 8.93 12.66 37.09
N PHE B 46 10.27 12.67 37.15
CA PHE B 46 11.16 11.54 37.48
C PHE B 46 12.56 12.13 37.53
N THR B 47 13.43 11.46 38.27
CA THR B 47 14.88 11.82 38.33
C THR B 47 15.71 10.73 37.65
N HIS B 48 16.86 11.11 37.14
CA HIS B 48 17.84 10.19 36.53
C HIS B 48 19.20 10.68 37.03
N GLN B 49 19.94 9.78 37.63
CA GLN B 49 21.36 9.95 37.97
C GLN B 49 22.12 9.90 36.64
N VAL B 50 22.39 11.05 36.03
CA VAL B 50 23.18 11.15 34.77
C VAL B 50 24.66 11.09 35.13
N TYR B 51 25.13 11.97 36.00
CA TYR B 51 26.53 11.98 36.48
C TYR B 51 26.64 10.96 37.63
N PRO B 52 27.45 9.89 37.49
CA PRO B 52 27.57 8.87 38.54
C PRO B 52 27.97 9.35 39.95
N ASP B 53 28.83 10.37 40.06
CA ASP B 53 29.39 10.81 41.36
C ASP B 53 28.77 12.14 41.82
N LEU B 54 27.64 12.59 41.25
CA LEU B 54 26.95 13.87 41.62
C LEU B 54 25.48 13.60 41.96
N GLY B 55 24.67 14.63 42.11
CA GLY B 55 23.21 14.48 42.28
C GLY B 55 22.53 14.06 40.98
N SER B 56 21.21 13.93 41.03
CA SER B 56 20.39 13.43 39.90
C SER B 56 19.81 14.62 39.14
N ALA B 57 19.30 14.37 37.95
CA ALA B 57 18.65 15.41 37.14
C ALA B 57 17.11 15.26 37.19
N ASP B 58 16.42 16.39 37.28
CA ASP B 58 14.94 16.48 37.22
C ASP B 58 14.50 16.52 35.75
N LEU B 59 13.72 15.50 35.36
CA LEU B 59 13.09 15.35 34.04
C LEU B 59 11.58 15.21 34.17
N VAL B 60 10.86 15.47 33.08
CA VAL B 60 9.42 15.15 32.90
C VAL B 60 9.33 14.34 31.60
N GLY B 61 8.82 13.12 31.66
CA GLY B 61 8.89 12.18 30.52
C GLY B 61 7.58 11.48 30.28
N TYR B 62 7.35 11.08 29.03
CA TYR B 62 6.26 10.13 28.67
C TYR B 62 6.53 8.82 29.44
N ASP B 63 5.56 8.38 30.26
CA ASP B 63 5.66 7.20 31.16
C ASP B 63 6.92 7.28 32.04
N GLY B 64 7.25 8.46 32.55
CA GLY B 64 8.34 8.64 33.53
C GLY B 64 9.71 8.25 33.01
N MET B 65 9.94 8.30 31.69
CA MET B 65 11.27 8.00 31.07
C MET B 65 11.61 8.98 29.93
N SER B 66 12.89 9.07 29.61
CA SER B 66 13.40 9.85 28.45
C SER B 66 14.61 9.15 27.86
N PRO B 67 14.59 8.83 26.54
CA PRO B 67 13.43 9.05 25.67
C PRO B 67 12.13 8.34 26.10
N GLY B 68 10.99 8.88 25.68
CA GLY B 68 9.70 8.20 25.81
C GLY B 68 9.80 6.80 25.19
N PRO B 69 8.88 5.86 25.50
CA PRO B 69 8.94 4.52 24.94
C PRO B 69 8.69 4.54 23.42
N THR B 70 9.25 3.55 22.74
CA THR B 70 9.19 3.45 21.27
C THR B 70 7.91 2.77 20.84
N PHE B 71 7.08 3.45 20.04
CA PHE B 71 5.89 2.87 19.38
C PHE B 71 6.36 2.16 18.10
N GLN B 72 5.69 1.05 17.81
CA GLN B 72 5.96 0.19 16.63
C GLN B 72 4.64 -0.27 16.03
N VAL B 73 4.22 0.37 14.95
CA VAL B 73 2.85 0.30 14.41
C VAL B 73 2.97 -0.07 12.92
N PRO B 74 2.41 -1.24 12.49
CA PRO B 74 2.25 -1.56 11.07
C PRO B 74 1.28 -0.62 10.35
N ARG B 75 1.59 -0.20 9.10
CA ARG B 75 0.66 0.59 8.26
C ARG B 75 -0.70 -0.12 8.21
N GLY B 76 -1.80 0.63 8.18
CA GLY B 76 -3.16 0.08 8.17
C GLY B 76 -3.80 -0.02 9.55
N VAL B 77 -3.02 -0.07 10.63
CA VAL B 77 -3.52 -0.11 12.03
C VAL B 77 -3.66 1.33 12.55
N GLU B 78 -4.90 1.79 12.74
CA GLU B 78 -5.22 3.06 13.44
C GLU B 78 -4.84 2.96 14.91
N THR B 79 -4.30 4.04 15.47
CA THR B 79 -3.94 4.08 16.92
C THR B 79 -4.69 5.24 17.57
N VAL B 80 -5.09 5.03 18.81
CA VAL B 80 -5.59 6.09 19.73
C VAL B 80 -4.66 6.04 20.94
N VAL B 81 -4.05 7.18 21.26
CA VAL B 81 -3.07 7.26 22.38
C VAL B 81 -3.64 8.31 23.32
N ARG B 82 -3.91 7.92 24.57
CA ARG B 82 -4.40 8.87 25.59
C ARG B 82 -3.18 9.40 26.34
N PHE B 83 -2.81 10.64 26.09
CA PHE B 83 -1.67 11.29 26.77
C PHE B 83 -2.25 12.00 27.99
N ILE B 84 -1.83 11.52 29.15
CA ILE B 84 -2.30 11.91 30.50
C ILE B 84 -1.27 12.83 31.14
N ASN B 85 -1.64 14.08 31.35
CA ASN B 85 -0.78 15.05 32.04
C ASN B 85 -0.89 14.83 33.55
N ASN B 86 0.15 14.26 34.15
CA ASN B 86 0.37 14.15 35.61
C ASN B 86 1.66 14.89 35.93
N ALA B 87 1.86 16.05 35.32
CA ALA B 87 3.08 16.86 35.46
C ALA B 87 2.72 18.25 36.03
N GLU B 88 3.55 19.27 35.79
CA GLU B 88 3.46 20.59 36.45
C GLU B 88 3.26 21.70 35.41
N ALA B 89 3.32 21.39 34.12
CA ALA B 89 3.12 22.36 33.03
C ALA B 89 2.23 21.73 31.98
N PRO B 90 1.51 22.52 31.15
CA PRO B 90 0.72 21.96 30.06
C PRO B 90 1.58 21.19 29.04
N ASN B 91 0.90 20.40 28.22
CA ASN B 91 1.53 19.68 27.09
C ASN B 91 0.61 19.79 25.87
N SER B 92 1.18 19.51 24.69
CA SER B 92 0.50 19.37 23.38
C SER B 92 1.36 18.42 22.54
N VAL B 93 0.88 17.20 22.33
CA VAL B 93 1.70 16.12 21.70
C VAL B 93 1.52 16.22 20.18
N HIS B 94 2.65 16.36 19.50
CA HIS B 94 2.77 16.27 18.04
C HIS B 94 3.47 14.96 17.68
N LEU B 95 2.81 14.17 16.84
CA LEU B 95 3.42 13.01 16.16
C LEU B 95 4.01 13.51 14.83
N HIS B 96 5.30 13.74 14.85
CA HIS B 96 6.05 14.41 13.76
C HIS B 96 6.31 13.36 12.68
N GLY B 97 5.81 13.60 11.47
CA GLY B 97 5.87 12.60 10.39
C GLY B 97 4.51 12.07 9.98
N SER B 98 3.44 12.46 10.68
CA SER B 98 2.08 11.85 10.55
C SER B 98 1.12 12.91 10.01
N PHE B 99 0.35 12.56 8.95
CA PHE B 99 -0.70 13.47 8.40
C PHE B 99 -1.97 13.45 9.27
N SER B 100 -1.79 13.56 10.59
CA SER B 100 -2.89 13.64 11.58
C SER B 100 -3.82 14.84 11.23
N ARG B 101 -5.11 14.73 11.63
CA ARG B 101 -6.09 15.84 11.53
C ARG B 101 -5.59 16.99 12.42
N ALA B 102 -5.93 18.23 12.06
CA ALA B 102 -5.56 19.47 12.77
C ALA B 102 -5.65 19.29 14.31
N ALA B 103 -6.61 18.50 14.81
CA ALA B 103 -6.94 18.44 16.25
C ALA B 103 -6.22 17.28 16.93
N PHE B 104 -5.50 16.46 16.13
CA PHE B 104 -4.64 15.35 16.64
C PHE B 104 -3.17 15.63 16.26
N ASP B 105 -2.86 16.85 15.84
CA ASP B 105 -1.54 17.18 15.27
C ASP B 105 -0.58 17.85 16.26
N GLY B 106 -1.03 18.22 17.47
CA GLY B 106 -0.15 18.91 18.45
C GLY B 106 -0.10 20.39 18.14
N TRP B 107 -1.16 20.93 17.53
CA TRP B 107 -1.39 22.39 17.49
C TRP B 107 -0.95 22.97 18.83
N ALA B 108 -0.19 24.07 18.82
CA ALA B 108 0.57 24.58 19.99
C ALA B 108 -0.40 25.07 21.06
N GLU B 109 -1.59 25.54 20.66
CA GLU B 109 -2.59 26.12 21.58
C GLU B 109 -3.51 25.00 22.09
N ASP B 110 -3.47 23.84 21.44
CA ASP B 110 -4.28 22.65 21.77
C ASP B 110 -3.60 21.88 22.92
N ILE B 111 -3.57 22.52 24.08
CA ILE B 111 -2.89 22.03 25.32
C ILE B 111 -3.84 21.21 26.16
N THR B 112 -3.21 20.35 26.98
CA THR B 112 -3.72 19.45 28.02
C THR B 112 -3.06 19.99 29.28
N GLU B 113 -3.84 20.39 30.29
CA GLU B 113 -3.34 20.90 31.60
C GLU B 113 -3.06 19.70 32.50
N PRO B 114 -2.23 19.84 33.55
CA PRO B 114 -2.15 18.82 34.59
C PRO B 114 -3.55 18.49 35.12
N GLY B 115 -3.85 17.20 35.36
CA GLY B 115 -5.19 16.73 35.76
C GLY B 115 -6.10 16.47 34.56
N SER B 116 -5.60 16.62 33.34
CA SER B 116 -6.35 16.36 32.09
C SER B 116 -5.59 15.35 31.20
N PHE B 117 -6.31 14.72 30.28
CA PHE B 117 -5.75 13.85 29.23
C PHE B 117 -6.40 14.25 27.91
N LYS B 118 -5.76 13.87 26.80
CA LYS B 118 -6.36 14.01 25.45
C LYS B 118 -6.15 12.69 24.73
N ASP B 119 -7.15 12.30 23.96
CA ASP B 119 -7.07 11.12 23.08
C ASP B 119 -6.66 11.64 21.70
N TYR B 120 -5.49 11.19 21.24
CA TYR B 120 -4.95 11.44 19.88
C TYR B 120 -5.27 10.18 19.04
N TYR B 121 -5.87 10.42 17.87
CA TYR B 121 -6.29 9.38 16.89
C TYR B 121 -5.34 9.52 15.70
N TYR B 122 -4.48 8.53 15.47
CA TYR B 122 -3.45 8.57 14.39
C TYR B 122 -3.82 7.65 13.24
N PRO B 123 -3.60 8.07 11.97
CA PRO B 123 -4.00 7.29 10.81
C PRO B 123 -3.07 6.14 10.41
N ASN B 124 -1.75 6.34 10.55
CA ASN B 124 -0.72 5.31 10.27
C ASN B 124 -0.92 4.70 8.87
N ARG B 125 -1.23 5.55 7.89
CA ARG B 125 -1.48 5.15 6.49
C ARG B 125 -0.25 5.46 5.62
N GLN B 126 0.59 6.42 6.03
CA GLN B 126 1.68 6.93 5.16
C GLN B 126 2.79 5.89 5.02
N SER B 127 3.75 6.17 4.13
CA SER B 127 4.95 5.32 3.87
C SER B 127 5.65 4.97 5.19
N ALA B 128 6.14 3.75 5.33
CA ALA B 128 6.95 3.31 6.49
C ALA B 128 8.04 4.35 6.70
N ARG B 129 8.26 4.80 7.93
CA ARG B 129 9.15 5.95 8.20
C ARG B 129 9.45 5.92 9.69
N THR B 130 10.46 6.70 10.13
CA THR B 130 10.72 6.97 11.57
C THR B 130 9.98 8.24 11.94
N LEU B 131 8.90 8.12 12.69
CA LEU B 131 8.17 9.26 13.26
C LEU B 131 8.80 9.50 14.64
N TRP B 132 8.57 10.67 15.18
CA TRP B 132 8.84 10.88 16.62
C TRP B 132 7.70 11.72 17.17
N TYR B 133 7.42 11.52 18.46
CA TYR B 133 6.30 12.21 19.17
C TYR B 133 6.96 13.03 20.26
N HIS B 134 6.54 14.28 20.39
CA HIS B 134 7.23 15.24 21.31
C HIS B 134 6.32 16.41 21.61
N ASP B 135 6.69 17.20 22.61
CA ASP B 135 5.84 18.31 23.06
C ASP B 135 5.84 19.42 22.00
N HIS B 136 4.71 20.13 21.92
CA HIS B 136 4.49 21.26 21.00
C HIS B 136 3.69 22.38 21.69
N ALA B 137 3.65 22.43 23.02
CA ALA B 137 2.87 23.43 23.79
C ALA B 137 3.47 24.81 23.54
N MET B 138 2.59 25.71 23.19
CA MET B 138 2.87 27.15 22.86
C MET B 138 3.86 27.76 23.86
N HIS B 139 5.01 28.27 23.37
CA HIS B 139 6.05 29.02 24.14
C HIS B 139 6.86 28.12 25.09
N ILE B 140 6.53 26.84 25.29
CA ILE B 140 7.25 26.05 26.33
C ILE B 140 7.76 24.74 25.72
N THR B 141 7.78 24.62 24.38
CA THR B 141 8.19 23.38 23.67
C THR B 141 9.64 23.06 24.01
N ALA B 142 10.53 24.06 24.00
CA ALA B 142 11.98 23.84 24.18
C ALA B 142 12.18 23.14 25.54
N GLU B 143 11.65 23.73 26.61
CA GLU B 143 11.85 23.15 27.98
C GLU B 143 11.15 21.78 28.10
N ASN B 144 9.99 21.59 27.48
CA ASN B 144 9.24 20.32 27.58
C ASN B 144 9.98 19.20 26.83
N ALA B 145 10.53 19.51 25.67
CA ALA B 145 11.36 18.56 24.88
C ALA B 145 12.66 18.29 25.63
N TYR B 146 13.36 19.35 26.07
CA TYR B 146 14.66 19.29 26.79
C TYR B 146 14.54 18.44 28.08
N ARG B 147 13.45 18.58 28.83
CA ARG B 147 13.27 17.85 30.11
C ARG B 147 12.77 16.42 29.85
N GLY B 148 12.42 16.07 28.62
CA GLY B 148 12.38 14.65 28.20
C GLY B 148 11.13 14.27 27.43
N GLN B 149 10.27 15.20 27.02
CA GLN B 149 9.03 14.85 26.25
C GLN B 149 9.34 14.65 24.78
N ALA B 150 9.94 13.51 24.46
CA ALA B 150 10.21 13.07 23.07
C ALA B 150 10.51 11.56 23.04
N GLY B 151 9.92 10.86 22.07
CA GLY B 151 10.22 9.44 21.85
C GLY B 151 10.02 9.07 20.39
N LEU B 152 10.48 7.87 20.05
CA LEU B 152 10.40 7.34 18.67
C LEU B 152 9.04 6.68 18.42
N TYR B 153 8.55 6.78 17.19
CA TYR B 153 7.33 6.09 16.71
C TYR B 153 7.63 5.49 15.34
N MET B 154 7.86 4.18 15.26
CA MET B 154 8.25 3.46 14.01
C MET B 154 6.99 2.94 13.27
N LEU B 155 6.73 3.44 12.06
CA LEU B 155 5.65 3.02 11.16
C LEU B 155 6.27 2.03 10.16
N THR B 156 5.88 0.76 10.28
CA THR B 156 6.47 -0.40 9.58
C THR B 156 5.55 -0.86 8.45
N ASP B 157 6.14 -1.53 7.47
CA ASP B 157 5.45 -2.03 6.26
C ASP B 157 6.09 -3.37 5.90
N PRO B 158 5.28 -4.45 5.69
CA PRO B 158 5.84 -5.76 5.35
C PRO B 158 6.59 -5.77 4.00
N ALA B 159 6.16 -4.94 3.03
CA ALA B 159 6.84 -4.71 1.74
C ALA B 159 8.27 -4.19 1.97
N GLU B 160 8.51 -3.39 3.01
CA GLU B 160 9.87 -2.88 3.39
C GLU B 160 10.65 -4.00 4.10
N ASP B 161 9.98 -4.82 4.89
CA ASP B 161 10.62 -5.94 5.63
C ASP B 161 11.22 -6.92 4.61
N ALA B 162 10.58 -7.06 3.45
CA ALA B 162 11.03 -7.91 2.32
C ALA B 162 12.39 -7.46 1.76
N LEU B 163 12.80 -6.18 1.90
CA LEU B 163 14.14 -5.66 1.48
C LEU B 163 15.26 -6.28 2.33
N ASN B 164 14.95 -6.80 3.52
CA ASN B 164 15.91 -7.57 4.35
C ASN B 164 17.11 -6.68 4.73
N LEU B 165 16.84 -5.42 5.05
CA LEU B 165 17.82 -4.50 5.71
C LEU B 165 18.16 -5.08 7.07
N PRO B 166 19.25 -4.65 7.72
CA PRO B 166 19.51 -5.09 9.10
C PRO B 166 18.26 -4.82 9.99
N SER B 167 17.94 -5.73 10.90
CA SER B 167 16.58 -5.71 11.49
C SER B 167 16.62 -6.15 12.94
N GLY B 168 15.48 -6.05 13.62
CA GLY B 168 15.38 -6.34 15.06
C GLY B 168 15.65 -5.10 15.90
N TYR B 169 14.59 -4.45 16.39
CA TYR B 169 14.69 -3.31 17.31
C TYR B 169 15.57 -3.71 18.51
N GLY B 170 16.65 -2.96 18.76
CA GLY B 170 17.62 -3.24 19.83
C GLY B 170 18.62 -4.32 19.43
N GLU B 171 18.45 -4.96 18.26
CA GLU B 171 19.35 -6.03 17.75
C GLU B 171 20.29 -5.39 16.71
N PHE B 172 19.87 -5.33 15.45
CA PHE B 172 20.66 -4.72 14.33
C PHE B 172 19.95 -3.47 13.78
N ASP B 173 18.85 -3.05 14.42
CA ASP B 173 18.09 -1.81 14.09
C ASP B 173 18.04 -0.99 15.37
N ILE B 174 18.88 0.06 15.42
CA ILE B 174 19.20 0.78 16.68
C ILE B 174 18.69 2.22 16.58
N PRO B 175 17.85 2.68 17.54
CA PRO B 175 17.47 4.09 17.59
C PRO B 175 18.64 4.96 18.07
N MET B 176 18.85 6.11 17.41
CA MET B 176 19.98 7.02 17.74
C MET B 176 19.41 8.43 17.90
N ILE B 177 18.73 8.63 19.04
CA ILE B 177 18.10 9.94 19.39
C ILE B 177 19.18 10.81 20.00
N LEU B 178 19.54 11.89 19.29
CA LEU B 178 20.63 12.84 19.67
C LEU B 178 20.04 14.05 20.36
N THR B 179 20.65 14.41 21.48
CA THR B 179 20.33 15.62 22.26
C THR B 179 21.64 16.22 22.75
N SER B 180 21.56 17.50 23.05
CA SER B 180 22.71 18.32 23.48
C SER B 180 22.22 19.13 24.67
N LYS B 181 22.78 18.86 25.85
CA LYS B 181 22.30 19.56 27.07
C LYS B 181 23.48 20.05 27.90
N GLN B 182 23.15 20.81 28.94
CA GLN B 182 24.14 21.38 29.88
C GLN B 182 23.66 21.07 31.31
N TYR B 183 24.60 20.70 32.17
CA TYR B 183 24.36 20.31 33.58
C TYR B 183 25.03 21.30 34.53
N THR B 184 24.45 21.44 35.72
CA THR B 184 24.99 22.25 36.84
C THR B 184 26.14 21.46 37.47
N ALA B 185 26.86 22.09 38.39
CA ALA B 185 27.91 21.47 39.22
C ALA B 185 27.41 20.20 39.94
N ASN B 186 26.13 20.12 40.35
CA ASN B 186 25.56 19.00 41.14
CA ASN B 186 25.67 18.93 41.12
C ASN B 186 24.88 17.95 40.24
N GLY B 187 25.05 18.05 38.91
CA GLY B 187 24.56 16.99 37.99
C GLY B 187 23.10 17.12 37.59
N ASN B 188 22.46 18.26 37.87
CA ASN B 188 21.08 18.56 37.42
C ASN B 188 21.15 19.32 36.09
N LEU B 189 20.02 19.44 35.39
CA LEU B 189 19.95 20.14 34.08
C LEU B 189 19.98 21.66 34.30
N VAL B 190 20.74 22.37 33.47
CA VAL B 190 20.58 23.82 33.26
C VAL B 190 19.34 23.97 32.40
N THR B 191 18.39 24.76 32.90
CA THR B 191 17.08 25.02 32.26
C THR B 191 17.32 25.78 30.97
N THR B 192 16.49 25.53 29.94
CA THR B 192 16.49 26.40 28.73
C THR B 192 15.66 27.66 29.00
N ASN B 193 14.93 27.73 30.12
CA ASN B 193 14.01 28.86 30.40
C ASN B 193 14.80 30.17 30.34
N GLY B 194 14.30 31.11 29.55
CA GLY B 194 14.89 32.45 29.44
C GLY B 194 15.89 32.54 28.30
N GLU B 195 16.29 31.43 27.66
CA GLU B 195 17.20 31.54 26.50
C GLU B 195 16.39 32.02 25.29
N LEU B 196 16.86 33.02 24.55
CA LEU B 196 16.10 33.63 23.43
C LEU B 196 16.92 33.57 22.15
N ASN B 197 18.17 33.09 22.22
CA ASN B 197 19.05 32.98 21.04
C ASN B 197 19.07 31.51 20.55
N SER B 198 19.84 30.65 21.24
CA SER B 198 19.87 29.19 21.01
C SER B 198 20.39 28.55 22.29
N PHE B 199 20.00 27.32 22.54
CA PHE B 199 20.54 26.55 23.67
C PHE B 199 21.36 25.40 23.10
N TRP B 200 22.68 25.58 23.04
CA TRP B 200 23.56 24.63 22.30
C TRP B 200 23.72 23.35 23.14
N GLY B 201 24.00 23.47 24.43
CA GLY B 201 24.42 22.31 25.26
C GLY B 201 25.83 21.86 24.92
N ASP B 202 26.59 21.41 25.91
CA ASP B 202 28.01 21.00 25.79
C ASP B 202 28.12 19.50 26.08
N VAL B 203 26.99 18.83 26.36
CA VAL B 203 26.99 17.37 26.66
C VAL B 203 26.12 16.66 25.61
N ILE B 204 26.74 15.79 24.81
CA ILE B 204 26.09 15.04 23.69
C ILE B 204 25.53 13.73 24.26
N HIS B 205 24.25 13.51 24.03
CA HIS B 205 23.52 12.28 24.47
C HIS B 205 23.10 11.47 23.26
N VAL B 206 23.13 10.15 23.43
CA VAL B 206 22.34 9.23 22.55
C VAL B 206 21.36 8.47 23.46
N ASN B 207 20.07 8.50 23.10
CA ASN B 207 18.98 7.83 23.86
C ASN B 207 19.02 8.28 25.34
N GLY B 208 19.29 9.56 25.59
CA GLY B 208 19.26 10.12 26.97
C GLY B 208 20.54 9.92 27.74
N GLN B 209 21.54 9.23 27.16
CA GLN B 209 22.84 8.91 27.83
C GLN B 209 23.98 9.73 27.24
N PRO B 210 24.70 10.55 28.07
CA PRO B 210 25.92 11.21 27.64
C PRO B 210 26.98 10.22 27.18
N TRP B 211 27.58 10.48 26.01
CA TRP B 211 28.77 9.78 25.49
C TRP B 211 28.76 8.30 25.88
N PRO B 212 27.79 7.52 25.36
CA PRO B 212 27.75 6.08 25.64
C PRO B 212 28.73 5.27 24.77
N PHE B 213 28.78 3.96 25.02
CA PHE B 213 29.38 2.96 24.11
C PHE B 213 28.31 1.90 23.82
N LYS B 214 28.48 1.16 22.72
CA LYS B 214 27.75 -0.09 22.46
C LYS B 214 28.74 -1.11 21.90
N ASN B 215 28.75 -2.31 22.47
CA ASN B 215 29.40 -3.51 21.90
C ASN B 215 28.63 -3.93 20.64
N VAL B 216 29.31 -3.98 19.51
CA VAL B 216 28.65 -4.37 18.24
C VAL B 216 29.45 -5.53 17.69
N GLU B 217 28.83 -6.28 16.79
CA GLU B 217 29.50 -7.30 15.96
C GLU B 217 30.00 -6.66 14.67
N PRO B 218 31.06 -7.24 14.07
CA PRO B 218 31.50 -6.82 12.74
C PRO B 218 30.50 -7.23 11.64
N ARG B 219 29.40 -6.48 11.55
CA ARG B 219 28.35 -6.71 10.52
C ARG B 219 27.54 -5.43 10.34
N LYS B 220 26.49 -5.47 9.51
CA LYS B 220 25.68 -4.29 9.14
C LYS B 220 24.63 -4.00 10.22
N TYR B 221 24.55 -2.74 10.63
CA TYR B 221 23.51 -2.26 11.57
C TYR B 221 22.75 -1.15 10.87
N ARG B 222 21.44 -1.11 11.14
CA ARG B 222 20.54 0.02 10.81
C ARG B 222 20.54 0.97 12.02
N PHE B 223 20.87 2.24 11.79
CA PHE B 223 20.87 3.31 12.81
C PHE B 223 19.85 4.37 12.38
N ARG B 224 18.92 4.67 13.28
CA ARG B 224 17.79 5.58 13.05
C ARG B 224 18.17 6.86 13.79
N PHE B 225 18.85 7.75 13.09
CA PHE B 225 19.30 9.04 13.67
C PHE B 225 18.09 9.95 13.74
N LEU B 226 17.89 10.56 14.92
CA LEU B 226 16.96 11.71 15.10
C LEU B 226 17.72 12.80 15.85
N ASP B 227 17.65 14.06 15.38
CA ASP B 227 18.17 15.21 16.17
C ASP B 227 16.99 15.79 16.96
N ALA B 228 16.92 15.37 18.21
CA ALA B 228 15.90 15.78 19.18
C ALA B 228 16.51 16.90 20.03
N ALA B 229 17.62 17.50 19.61
CA ALA B 229 18.23 18.59 20.41
C ALA B 229 17.31 19.82 20.36
N VAL B 230 17.47 20.67 21.34
CA VAL B 230 16.77 21.97 21.32
C VAL B 230 17.31 22.80 20.14
N SER B 231 18.64 22.92 19.97
CA SER B 231 19.25 23.94 19.05
C SER B 231 20.47 23.38 18.27
N ARG B 232 21.05 22.25 18.70
CA ARG B 232 22.32 21.75 18.08
C ARG B 232 21.98 20.94 16.82
N SER B 233 22.57 21.39 15.72
CA SER B 233 22.74 20.65 14.44
C SER B 233 24.09 19.91 14.47
N PHE B 234 24.18 18.80 13.73
CA PHE B 234 25.34 17.87 13.69
C PHE B 234 25.83 17.69 12.25
N GLY B 235 27.13 17.50 12.11
CA GLY B 235 27.76 16.86 10.95
C GLY B 235 28.36 15.55 11.42
N LEU B 236 27.60 14.44 11.29
CA LEU B 236 27.97 13.13 11.85
C LEU B 236 28.90 12.40 10.89
N TYR B 237 29.95 11.82 11.44
CA TYR B 237 30.85 10.91 10.71
C TYR B 237 31.34 9.87 11.70
N PHE B 238 31.81 8.75 11.15
CA PHE B 238 32.40 7.62 11.90
C PHE B 238 33.90 7.52 11.57
N ALA B 239 34.72 7.28 12.59
CA ALA B 239 36.18 7.13 12.45
C ALA B 239 36.68 6.07 13.43
N ASP B 240 37.52 5.17 12.93
CA ASP B 240 38.35 4.25 13.73
C ASP B 240 39.19 5.12 14.68
N THR B 241 39.24 4.81 15.97
CA THR B 241 40.04 5.56 16.99
C THR B 241 41.52 5.58 16.60
N ASP B 242 41.98 4.63 15.77
CA ASP B 242 43.37 4.56 15.25
C ASP B 242 43.63 5.65 14.21
N ALA B 243 42.58 6.17 13.57
CA ALA B 243 42.63 7.16 12.47
C ALA B 243 41.37 8.03 12.64
N ILE B 244 41.40 8.85 13.68
CA ILE B 244 40.22 9.52 14.33
C ILE B 244 39.64 10.63 13.42
N ASP B 245 40.37 11.04 12.38
CA ASP B 245 39.89 12.03 11.39
C ASP B 245 39.53 11.37 10.06
N THR B 246 39.84 10.09 9.86
CA THR B 246 39.52 9.40 8.58
C THR B 246 38.06 8.97 8.64
N ARG B 247 37.21 9.58 7.79
CA ARG B 247 35.73 9.40 7.74
C ARG B 247 35.44 8.07 7.09
N LEU B 248 34.60 7.24 7.70
CA LEU B 248 34.30 5.89 7.14
C LEU B 248 32.99 5.97 6.37
N PRO B 249 32.91 5.31 5.19
CA PRO B 249 31.72 5.36 4.35
C PRO B 249 30.55 4.56 4.93
N PHE B 250 29.35 5.05 4.68
CA PHE B 250 28.09 4.41 5.15
C PHE B 250 27.05 4.68 4.09
N LYS B 251 25.86 4.13 4.28
CA LYS B 251 24.73 4.39 3.36
C LYS B 251 23.58 5.04 4.12
N VAL B 252 23.07 6.14 3.57
CA VAL B 252 21.76 6.72 4.01
C VAL B 252 20.70 6.00 3.17
N ILE B 253 19.76 5.33 3.84
CA ILE B 253 18.66 4.56 3.18
C ILE B 253 17.33 5.29 3.36
N ALA B 254 17.21 6.19 4.34
CA ALA B 254 15.92 6.86 4.66
C ALA B 254 16.11 8.29 5.14
N SER B 255 15.12 9.13 4.83
CA SER B 255 14.98 10.54 5.24
C SER B 255 13.68 10.62 6.06
N ASP B 256 13.27 11.81 6.48
CA ASP B 256 12.08 12.05 7.33
C ASP B 256 10.86 11.20 6.89
N SER B 257 10.53 11.20 5.60
CA SER B 257 9.26 10.64 5.07
C SER B 257 9.38 9.16 4.75
N GLY B 258 10.57 8.55 4.92
CA GLY B 258 10.86 7.15 4.58
C GLY B 258 11.98 6.98 3.56
N LEU B 259 12.01 5.84 2.88
CA LEU B 259 13.20 5.33 2.15
C LEU B 259 13.55 6.30 1.04
N LEU B 260 14.86 6.43 0.75
CA LEU B 260 15.34 7.13 -0.49
C LEU B 260 15.04 6.20 -1.66
N GLU B 261 15.13 6.66 -2.90
CA GLU B 261 14.93 5.79 -4.09
C GLU B 261 16.02 4.71 -4.10
N HIS B 262 17.24 5.12 -3.75
CA HIS B 262 18.50 4.36 -3.68
C HIS B 262 19.29 4.78 -2.43
N PRO B 263 20.12 3.89 -1.86
CA PRO B 263 20.99 4.28 -0.75
C PRO B 263 21.91 5.41 -1.25
N ALA B 264 22.16 6.46 -0.45
CA ALA B 264 23.20 7.48 -0.72
C ALA B 264 24.51 7.11 0.00
N ASP B 265 25.55 6.70 -0.75
CA ASP B 265 26.91 6.49 -0.22
CA ASP B 265 26.93 6.50 -0.22
C ASP B 265 27.38 7.83 0.39
N THR B 266 27.69 7.84 1.69
CA THR B 266 27.87 9.08 2.47
C THR B 266 29.05 8.85 3.41
N SER B 267 29.84 9.89 3.66
CA SER B 267 30.87 9.83 4.75
C SER B 267 30.68 10.98 5.75
N LEU B 268 29.78 11.91 5.46
CA LEU B 268 29.36 12.96 6.41
C LEU B 268 27.87 13.23 6.25
N LEU B 269 27.14 13.16 7.36
CA LEU B 269 25.68 13.37 7.37
C LEU B 269 25.35 14.63 8.20
N TYR B 270 24.95 15.70 7.52
CA TYR B 270 24.30 16.89 8.10
C TYR B 270 22.92 16.45 8.59
N ILE B 271 22.62 16.67 9.87
CA ILE B 271 21.30 16.34 10.48
C ILE B 271 20.98 17.45 11.49
N SER B 272 19.90 18.19 11.23
CA SER B 272 19.48 19.36 12.03
C SER B 272 18.19 18.97 12.77
N MET B 273 17.71 19.89 13.63
CA MET B 273 16.68 19.59 14.66
C MET B 273 15.44 19.00 13.95
N ALA B 274 15.01 17.81 14.37
CA ALA B 274 13.77 17.15 13.93
C ALA B 274 13.98 16.29 12.69
N GLU B 275 15.13 16.34 12.04
CA GLU B 275 15.43 15.50 10.85
C GLU B 275 15.71 14.07 11.33
N ARG B 276 15.17 13.10 10.61
CA ARG B 276 15.45 11.66 10.81
C ARG B 276 16.16 11.20 9.54
N TYR B 277 17.27 10.52 9.74
CA TYR B 277 17.98 9.83 8.64
C TYR B 277 18.30 8.46 9.14
N GLU B 278 18.02 7.43 8.33
CA GLU B 278 18.41 6.04 8.67
C GLU B 278 19.61 5.66 7.81
N VAL B 279 20.60 5.14 8.51
CA VAL B 279 21.96 4.87 8.03
C VAL B 279 22.19 3.37 8.18
N VAL B 280 22.75 2.68 7.18
CA VAL B 280 23.38 1.34 7.38
C VAL B 280 24.90 1.53 7.42
N PHE B 281 25.49 1.25 8.57
CA PHE B 281 26.95 1.23 8.78
C PHE B 281 27.36 -0.23 8.82
N ASP B 282 28.44 -0.56 8.12
CA ASP B 282 28.95 -1.94 8.04
C ASP B 282 30.24 -1.98 8.84
N PHE B 283 30.20 -2.63 10.00
CA PHE B 283 31.38 -2.79 10.89
C PHE B 283 32.24 -4.01 10.49
N SER B 284 31.95 -4.74 9.39
CA SER B 284 32.74 -5.92 8.92
C SER B 284 34.26 -5.63 8.83
N ASP B 285 34.66 -4.50 8.24
CA ASP B 285 36.10 -4.18 7.97
C ASP B 285 36.81 -3.71 9.23
N TYR B 286 36.16 -3.73 10.41
CA TYR B 286 36.65 -3.04 11.64
C TYR B 286 36.55 -3.96 12.87
N ALA B 287 36.59 -5.28 12.65
CA ALA B 287 36.58 -6.33 13.70
C ALA B 287 37.75 -6.11 14.64
N GLY B 288 37.50 -5.98 15.93
CA GLY B 288 38.52 -5.70 16.95
C GLY B 288 38.78 -4.21 17.14
N LYS B 289 38.19 -3.32 16.33
CA LYS B 289 38.45 -1.85 16.44
C LYS B 289 37.35 -1.19 17.29
N THR B 290 37.63 0.05 17.73
CA THR B 290 36.64 0.99 18.32
C THR B 290 36.34 2.07 17.27
N ILE B 291 35.11 2.10 16.75
CA ILE B 291 34.61 3.19 15.86
C ILE B 291 33.91 4.25 16.72
N GLU B 292 34.37 5.49 16.59
CA GLU B 292 33.79 6.64 17.30
C GLU B 292 32.87 7.34 16.30
N LEU B 293 31.61 7.55 16.73
CA LEU B 293 30.67 8.45 16.01
C LEU B 293 31.06 9.86 16.44
N ARG B 294 31.43 10.72 15.47
CA ARG B 294 31.95 12.06 15.76
C ARG B 294 31.05 13.11 15.14
N ASN B 295 31.27 14.37 15.55
CA ASN B 295 30.49 15.53 15.09
C ASN B 295 31.45 16.56 14.54
N LEU B 296 31.22 17.01 13.30
CA LEU B 296 32.01 18.09 12.66
C LEU B 296 31.96 19.35 13.54
N GLY B 297 33.11 20.03 13.71
CA GLY B 297 33.22 21.30 14.44
C GLY B 297 33.25 22.51 13.51
N GLY B 298 33.68 23.67 14.00
CA GLY B 298 33.59 24.87 13.18
C GLY B 298 32.16 25.16 12.80
N SER B 299 31.23 24.98 13.77
CA SER B 299 29.77 25.21 13.61
C SER B 299 29.24 24.42 12.42
N ILE B 300 29.41 23.08 12.48
CA ILE B 300 29.05 22.12 11.41
C ILE B 300 29.74 22.55 10.10
N GLY B 301 31.07 22.66 10.13
CA GLY B 301 31.85 22.94 8.90
C GLY B 301 31.38 24.20 8.19
N GLY B 302 31.02 25.25 8.96
CA GLY B 302 30.63 26.53 8.38
C GLY B 302 29.19 26.56 7.93
N ILE B 303 28.43 25.48 8.06
CA ILE B 303 26.98 25.52 7.66
C ILE B 303 26.18 26.21 8.76
N GLY B 304 26.60 26.06 10.02
CA GLY B 304 25.82 26.45 11.20
C GLY B 304 26.42 27.66 11.90
N THR B 305 25.85 27.99 13.05
CA THR B 305 26.38 29.03 13.99
C THR B 305 26.67 28.41 15.36
N ASP B 306 26.42 27.11 15.52
CA ASP B 306 26.43 26.43 16.85
C ASP B 306 27.79 26.60 17.53
N THR B 307 27.79 26.83 18.84
CA THR B 307 29.00 26.82 19.66
C THR B 307 29.50 25.39 19.73
N ASP B 308 30.82 25.23 19.63
CA ASP B 308 31.55 23.96 19.76
C ASP B 308 32.25 23.97 21.11
N TYR B 309 32.10 22.90 21.88
CA TYR B 309 32.74 22.77 23.21
C TYR B 309 33.73 21.61 23.14
N ASP B 310 34.55 21.48 24.20
CA ASP B 310 35.66 20.49 24.26
C ASP B 310 35.23 19.09 23.78
N ASN B 311 34.03 18.61 24.11
CA ASN B 311 33.65 17.21 23.83
C ASN B 311 32.43 17.09 22.91
N THR B 312 31.98 18.17 22.26
CA THR B 312 30.82 18.06 21.33
C THR B 312 31.22 17.50 19.96
N ASP B 313 32.50 17.20 19.75
CA ASP B 313 33.00 16.44 18.57
C ASP B 313 32.76 14.93 18.76
N LYS B 314 32.41 14.52 19.98
CA LYS B 314 32.26 13.10 20.35
C LYS B 314 30.77 12.82 20.53
N VAL B 315 30.27 11.70 19.97
CA VAL B 315 28.86 11.32 20.18
C VAL B 315 28.86 10.01 20.96
N MET B 316 29.43 8.96 20.38
CA MET B 316 29.53 7.67 21.09
C MET B 316 30.56 6.78 20.43
N ARG B 317 30.85 5.67 21.10
CA ARG B 317 31.80 4.65 20.59
C ARG B 317 31.11 3.31 20.42
N PHE B 318 31.48 2.63 19.33
CA PHE B 318 31.08 1.25 19.00
C PHE B 318 32.33 0.37 19.14
N VAL B 319 32.29 -0.53 20.10
CA VAL B 319 33.40 -1.48 20.35
C VAL B 319 33.09 -2.71 19.53
N VAL B 320 33.86 -2.94 18.46
CA VAL B 320 33.54 -4.02 17.49
C VAL B 320 34.22 -5.30 17.96
N ALA B 321 33.45 -6.38 18.12
CA ALA B 321 33.93 -7.74 18.48
C ALA B 321 34.88 -8.23 17.37
N ASP B 322 35.66 -9.28 17.65
CA ASP B 322 36.66 -9.89 16.72
C ASP B 322 35.94 -10.63 15.59
N ASP B 323 34.74 -11.17 15.85
CA ASP B 323 33.91 -11.88 14.85
C ASP B 323 32.45 -11.78 15.30
N THR B 324 31.53 -12.21 14.42
CA THR B 324 30.08 -12.35 14.64
C THR B 324 29.73 -13.78 15.07
N THR B 325 28.76 -13.91 15.99
CA THR B 325 28.22 -15.17 16.57
C THR B 325 27.31 -15.88 15.56
N GLN B 326 26.76 -15.14 14.58
CA GLN B 326 25.85 -15.61 13.50
C GLN B 326 26.19 -14.88 12.20
N PRO B 327 26.08 -15.55 11.03
CA PRO B 327 26.33 -14.88 9.75
C PRO B 327 25.35 -13.74 9.45
N ASP B 328 25.82 -12.67 8.80
CA ASP B 328 24.98 -11.49 8.44
C ASP B 328 24.30 -11.79 7.09
N THR B 329 23.00 -12.10 7.11
CA THR B 329 22.17 -12.38 5.91
C THR B 329 21.50 -11.10 5.40
N SER B 330 21.56 -10.00 6.16
CA SER B 330 20.97 -8.67 5.80
C SER B 330 21.70 -8.09 4.58
N VAL B 331 21.02 -7.27 3.79
CA VAL B 331 21.58 -6.61 2.57
C VAL B 331 21.14 -5.14 2.59
N VAL B 332 21.71 -4.31 1.72
CA VAL B 332 21.23 -2.93 1.44
C VAL B 332 20.93 -2.87 -0.05
N PRO B 333 19.69 -3.16 -0.51
CA PRO B 333 19.40 -3.14 -1.95
C PRO B 333 19.73 -1.78 -2.58
N ALA B 334 20.20 -1.78 -3.83
CA ALA B 334 20.51 -0.61 -4.64
C ALA B 334 19.21 0.14 -4.96
N ASN B 335 18.11 -0.61 -4.97
CA ASN B 335 16.74 -0.09 -5.25
C ASN B 335 15.93 -0.26 -3.98
N LEU B 336 15.43 0.84 -3.39
CA LEU B 336 14.71 0.78 -2.11
C LEU B 336 13.22 1.06 -2.37
N ARG B 337 12.85 2.08 -3.14
CA ARG B 337 11.42 2.22 -3.51
C ARG B 337 11.25 3.26 -4.61
N ASP B 338 10.04 3.27 -5.16
CA ASP B 338 9.43 4.35 -5.96
C ASP B 338 8.98 5.47 -5.02
N VAL B 339 9.78 6.52 -4.88
CA VAL B 339 9.48 7.68 -4.00
C VAL B 339 8.29 8.39 -4.61
N PRO B 340 7.17 8.48 -3.88
CA PRO B 340 5.98 9.16 -4.39
C PRO B 340 6.09 10.68 -4.35
N PHE B 341 6.90 11.23 -5.25
CA PHE B 341 7.16 12.68 -5.43
C PHE B 341 5.87 13.35 -5.89
N PRO B 342 5.65 14.64 -5.55
CA PRO B 342 4.48 15.34 -6.07
C PRO B 342 4.65 15.72 -7.56
N SER B 343 3.55 15.88 -8.28
CA SER B 343 3.49 16.43 -9.65
C SER B 343 4.08 17.84 -9.64
N PRO B 344 5.18 18.12 -10.37
CA PRO B 344 5.81 19.43 -10.30
C PRO B 344 4.85 20.55 -10.71
N THR B 345 4.99 21.72 -10.12
CA THR B 345 4.17 22.90 -10.48
C THR B 345 5.10 23.91 -11.12
N THR B 346 4.56 24.82 -11.93
CA THR B 346 5.29 25.99 -12.50
C THR B 346 4.79 27.26 -11.83
N ASN B 347 3.84 27.13 -10.89
CA ASN B 347 3.33 28.28 -10.09
C ASN B 347 4.51 28.91 -9.36
N THR B 348 4.62 30.24 -9.42
CA THR B 348 5.73 30.98 -8.76
C THR B 348 5.68 30.60 -7.28
N PRO B 349 6.83 30.25 -6.66
CA PRO B 349 6.82 29.82 -5.24
C PRO B 349 6.24 30.91 -4.33
N ARG B 350 5.53 30.51 -3.26
CA ARG B 350 5.32 31.42 -2.11
C ARG B 350 6.66 31.68 -1.41
N GLN B 351 6.84 32.85 -0.80
CA GLN B 351 8.12 33.24 -0.14
C GLN B 351 7.90 33.41 1.36
N PHE B 352 8.79 32.83 2.17
CA PHE B 352 8.79 32.89 3.64
C PHE B 352 10.21 33.21 4.11
N ARG B 353 10.37 34.30 4.84
CA ARG B 353 11.66 34.81 5.37
C ARG B 353 11.73 34.53 6.87
N PHE B 354 12.71 33.74 7.25
CA PHE B 354 13.00 33.34 8.65
C PHE B 354 14.05 34.32 9.19
N GLY B 355 13.63 35.30 9.98
CA GLY B 355 14.53 36.31 10.55
C GLY B 355 14.04 36.81 11.88
N ARG B 356 14.40 38.04 12.22
CA ARG B 356 14.08 38.65 13.53
CA ARG B 356 14.10 38.66 13.54
C ARG B 356 13.28 39.94 13.36
N THR B 357 12.38 40.22 14.29
CA THR B 357 11.64 41.50 14.38
C THR B 357 11.83 41.94 15.81
N GLY B 358 12.63 42.98 16.02
CA GLY B 358 13.24 43.27 17.32
C GLY B 358 13.82 41.99 17.92
N PRO B 359 13.44 41.61 19.16
CA PRO B 359 14.06 40.47 19.83
C PRO B 359 13.46 39.09 19.43
N THR B 360 12.47 39.09 18.53
CA THR B 360 11.60 37.91 18.28
C THR B 360 11.99 37.27 16.96
N TRP B 361 12.09 35.94 16.96
CA TRP B 361 12.25 35.12 15.73
C TRP B 361 10.89 35.08 15.03
N THR B 362 10.85 35.42 13.75
CA THR B 362 9.60 35.67 13.01
C THR B 362 9.60 35.05 11.63
N ILE B 363 8.40 34.81 11.09
CA ILE B 363 8.21 34.38 9.68
C ILE B 363 7.51 35.53 8.96
N ASN B 364 8.14 36.06 7.90
CA ASN B 364 7.67 37.27 7.16
C ASN B 364 7.30 38.37 8.16
N GLY B 365 8.13 38.55 9.20
CA GLY B 365 7.92 39.64 10.18
C GLY B 365 6.81 39.35 11.15
N VAL B 366 6.20 38.16 11.16
CA VAL B 366 5.08 37.84 12.09
C VAL B 366 5.54 36.82 13.16
N ALA B 367 5.07 37.00 14.40
CA ALA B 367 5.19 36.06 15.54
C ALA B 367 3.91 35.22 15.58
N PHE B 368 4.03 33.92 15.86
CA PHE B 368 2.88 32.99 15.99
C PHE B 368 1.84 33.53 17.00
N ALA B 369 2.27 34.13 18.11
CA ALA B 369 1.36 34.70 19.13
C ALA B 369 0.44 35.76 18.48
N ASP B 370 0.81 36.31 17.32
CA ASP B 370 0.01 37.31 16.56
C ASP B 370 -1.04 36.59 15.70
N VAL B 371 -2.11 36.14 16.37
CA VAL B 371 -3.25 35.37 15.81
C VAL B 371 -3.73 35.98 14.49
N GLN B 372 -3.98 37.29 14.50
CA GLN B 372 -4.52 38.14 13.41
C GLN B 372 -3.71 37.97 12.12
N ASN B 373 -2.39 37.74 12.24
CA ASN B 373 -1.44 37.90 11.13
C ASN B 373 -0.71 36.60 10.79
N ARG B 374 -0.94 35.52 11.55
CA ARG B 374 -0.02 34.35 11.53
C ARG B 374 -0.53 33.27 10.57
N LEU B 375 -1.74 33.43 10.04
CA LEU B 375 -2.23 32.57 8.95
C LEU B 375 -1.66 33.10 7.63
N LEU B 376 -0.55 32.54 7.15
CA LEU B 376 0.23 33.20 6.06
C LEU B 376 -0.13 32.60 4.69
N ALA B 377 -0.86 31.48 4.65
CA ALA B 377 -1.15 30.75 3.39
C ALA B 377 -2.47 29.98 3.51
N ASN B 378 -3.32 30.08 2.47
CA ASN B 378 -4.47 29.18 2.25
C ASN B 378 -4.22 28.35 1.00
N VAL B 379 -4.27 27.04 1.14
CA VAL B 379 -3.88 26.08 0.07
C VAL B 379 -5.04 25.12 -0.13
N PRO B 380 -5.70 25.11 -1.31
CA PRO B 380 -6.73 24.11 -1.59
C PRO B 380 -6.12 22.70 -1.47
N VAL B 381 -6.76 21.85 -0.66
CA VAL B 381 -6.42 20.42 -0.58
C VAL B 381 -6.28 19.88 -2.00
N GLY B 382 -5.11 19.29 -2.31
CA GLY B 382 -4.86 18.51 -3.53
C GLY B 382 -3.88 19.24 -4.44
N THR B 383 -3.74 20.55 -4.28
CA THR B 383 -2.81 21.39 -5.09
C THR B 383 -1.38 21.16 -4.59
N VAL B 384 -0.44 21.23 -5.54
CA VAL B 384 1.01 21.15 -5.27
C VAL B 384 1.50 22.59 -5.23
N GLU B 385 2.29 22.97 -4.21
CA GLU B 385 2.87 24.34 -4.11
C GLU B 385 4.38 24.23 -3.87
N ARG B 386 5.15 25.17 -4.40
CA ARG B 386 6.58 25.35 -4.06
C ARG B 386 6.63 26.48 -3.04
N TRP B 387 7.32 26.27 -1.91
CA TRP B 387 7.60 27.39 -0.97
C TRP B 387 9.09 27.66 -1.05
N GLU B 388 9.45 28.93 -1.23
CA GLU B 388 10.83 29.42 -1.12
C GLU B 388 11.06 29.89 0.31
N LEU B 389 11.88 29.12 1.03
CA LEU B 389 12.22 29.27 2.46
C LEU B 389 13.59 29.99 2.52
N ILE B 390 13.61 31.24 2.95
CA ILE B 390 14.76 32.18 2.88
C ILE B 390 15.32 32.41 4.29
N ASN B 391 16.58 32.02 4.53
CA ASN B 391 17.41 32.55 5.63
C ASN B 391 18.41 33.54 5.05
N ALA B 392 18.18 34.83 5.21
CA ALA B 392 19.07 35.92 4.72
C ALA B 392 20.18 36.18 5.74
N GLY B 393 20.05 35.64 6.96
CA GLY B 393 21.01 35.81 8.06
C GLY B 393 22.22 34.89 7.94
N ASN B 394 23.36 35.41 8.38
CA ASN B 394 24.63 34.70 8.66
C ASN B 394 24.71 34.29 10.14
N GLY B 395 23.92 34.90 11.02
CA GLY B 395 24.08 34.76 12.48
C GLY B 395 23.06 33.79 13.08
N TRP B 396 22.24 33.14 12.25
CA TRP B 396 21.29 32.08 12.70
C TRP B 396 21.11 31.04 11.58
N THR B 397 20.73 29.84 11.95
CA THR B 397 20.25 28.81 10.99
C THR B 397 18.94 28.25 11.50
N HIS B 398 18.13 27.68 10.60
CA HIS B 398 16.69 27.45 10.81
C HIS B 398 16.29 26.18 10.06
N PRO B 399 16.16 25.01 10.75
CA PRO B 399 15.56 23.84 10.12
C PRO B 399 14.04 24.01 10.10
N ILE B 400 13.45 24.10 8.91
CA ILE B 400 12.04 24.48 8.71
C ILE B 400 11.21 23.19 8.56
N HIS B 401 10.24 23.06 9.45
CA HIS B 401 9.24 21.98 9.48
C HIS B 401 7.90 22.49 8.94
N ILE B 402 7.30 21.71 8.05
CA ILE B 402 5.91 21.95 7.55
C ILE B 402 5.07 20.73 7.95
N HIS B 403 4.03 20.96 8.76
CA HIS B 403 3.08 19.91 9.21
C HIS B 403 2.30 19.40 8.00
N LEU B 404 1.63 18.26 8.14
CA LEU B 404 0.74 17.59 7.15
C LEU B 404 1.56 16.89 6.06
N VAL B 405 2.36 17.69 5.35
CA VAL B 405 2.99 17.39 4.05
C VAL B 405 4.31 16.64 4.21
N ASP B 406 4.59 15.84 3.18
CA ASP B 406 5.95 15.38 2.80
C ASP B 406 6.33 16.26 1.62
N PHE B 407 7.53 16.81 1.59
CA PHE B 407 7.97 17.71 0.50
C PHE B 407 9.26 17.16 -0.17
N LYS B 408 9.47 17.60 -1.40
CA LYS B 408 10.74 17.35 -2.12
C LYS B 408 11.60 18.61 -2.01
N VAL B 409 12.88 18.45 -1.69
CA VAL B 409 13.84 19.58 -1.79
C VAL B 409 14.13 19.81 -3.27
N ILE B 410 13.74 20.95 -3.80
CA ILE B 410 14.00 21.32 -5.22
C ILE B 410 15.39 21.94 -5.36
N SER B 411 15.76 22.92 -4.51
CA SER B 411 17.00 23.71 -4.65
C SER B 411 17.46 24.24 -3.30
N ARG B 412 18.78 24.39 -3.16
CA ARG B 412 19.39 25.21 -2.08
C ARG B 412 20.44 26.12 -2.71
N THR B 413 20.35 27.40 -2.40
CA THR B 413 21.44 28.37 -2.58
C THR B 413 22.02 28.74 -1.22
N SER B 414 23.28 29.18 -1.24
CA SER B 414 24.06 29.59 -0.07
C SER B 414 24.80 30.88 -0.45
N GLY B 415 24.52 31.97 0.27
CA GLY B 415 25.32 33.19 0.15
C GLY B 415 26.74 33.03 0.70
N ASN B 416 27.09 31.86 1.28
CA ASN B 416 28.51 31.52 1.58
C ASN B 416 29.01 30.45 0.60
N ASN B 417 28.29 30.28 -0.51
CA ASN B 417 28.68 29.29 -1.53
C ASN B 417 29.09 27.97 -0.85
N ALA B 418 28.34 27.49 0.15
CA ALA B 418 28.75 26.34 1.00
C ALA B 418 28.27 25.01 0.43
N ARG B 419 27.10 24.97 -0.22
CA ARG B 419 26.52 23.69 -0.69
C ARG B 419 25.23 24.00 -1.42
N THR B 420 24.69 22.99 -2.10
CA THR B 420 23.32 22.99 -2.66
C THR B 420 22.57 21.85 -1.98
N VAL B 421 21.86 21.04 -2.76
CA VAL B 421 21.02 19.93 -2.23
C VAL B 421 21.95 18.76 -1.95
N MET B 422 21.76 18.08 -0.82
CA MET B 422 22.59 16.93 -0.43
C MET B 422 21.97 15.67 -1.04
N PRO B 423 22.78 14.60 -1.33
CA PRO B 423 22.24 13.38 -1.92
C PRO B 423 21.15 12.72 -1.05
N TYR B 424 21.24 12.82 0.30
CA TYR B 424 20.26 12.25 1.27
C TYR B 424 19.02 13.14 1.40
N GLU B 425 18.99 14.30 0.73
CA GLU B 425 17.77 15.11 0.54
C GLU B 425 17.10 14.81 -0.82
N SER B 426 17.42 13.68 -1.46
CA SER B 426 16.94 13.24 -2.81
C SER B 426 15.48 12.75 -2.76
N GLY B 427 15.00 12.38 -1.58
CA GLY B 427 13.64 11.85 -1.39
C GLY B 427 12.65 12.84 -0.85
N LEU B 428 11.90 12.41 0.16
CA LEU B 428 10.81 13.20 0.79
C LEU B 428 11.18 13.48 2.24
N LYS B 429 11.06 14.74 2.60
CA LYS B 429 11.38 15.23 3.96
C LYS B 429 10.17 16.01 4.51
N ASP B 430 10.24 16.34 5.80
CA ASP B 430 9.28 17.28 6.41
C ASP B 430 10.04 18.38 7.18
N VAL B 431 11.36 18.25 7.29
CA VAL B 431 12.27 19.31 7.82
C VAL B 431 13.36 19.56 6.79
N VAL B 432 13.76 20.82 6.60
CA VAL B 432 14.93 21.13 5.74
C VAL B 432 15.74 22.24 6.40
N TRP B 433 17.05 22.02 6.51
CA TRP B 433 17.97 22.97 7.19
C TRP B 433 18.30 24.15 6.26
N LEU B 434 17.86 25.35 6.60
CA LEU B 434 18.40 26.63 6.09
C LEU B 434 19.64 26.94 6.94
N GLY B 435 20.82 26.51 6.47
CA GLY B 435 22.12 26.96 7.01
C GLY B 435 22.31 28.47 6.78
N ARG B 436 23.48 28.97 7.16
CA ARG B 436 23.83 30.40 7.06
C ARG B 436 23.56 30.85 5.62
N ARG B 437 22.75 31.89 5.48
CA ARG B 437 22.49 32.60 4.20
C ARG B 437 21.87 31.63 3.20
N GLU B 438 21.06 30.68 3.67
CA GLU B 438 20.54 29.63 2.73
C GLU B 438 19.08 29.89 2.39
N THR B 439 18.75 29.67 1.12
CA THR B 439 17.37 29.70 0.58
C THR B 439 17.10 28.32 0.01
N VAL B 440 16.03 27.68 0.46
CA VAL B 440 15.65 26.34 -0.05
C VAL B 440 14.25 26.45 -0.64
N VAL B 441 14.05 25.91 -1.85
CA VAL B 441 12.68 25.75 -2.40
C VAL B 441 12.25 24.30 -2.18
N VAL B 442 11.07 24.10 -1.59
CA VAL B 442 10.51 22.73 -1.39
C VAL B 442 9.24 22.60 -2.21
N GLU B 443 8.87 21.37 -2.54
CA GLU B 443 7.66 21.09 -3.35
C GLU B 443 6.79 20.08 -2.60
N ALA B 444 5.53 20.41 -2.34
CA ALA B 444 4.62 19.59 -1.52
C ALA B 444 3.22 19.51 -2.13
N HIS B 445 2.64 18.34 -2.00
CA HIS B 445 1.20 18.07 -2.25
C HIS B 445 0.50 18.30 -0.91
N TYR B 446 -0.24 19.41 -0.79
CA TYR B 446 -1.02 19.82 0.40
C TYR B 446 -2.27 18.92 0.43
N ALA B 447 -2.12 17.71 0.96
CA ALA B 447 -3.12 16.64 0.87
C ALA B 447 -2.81 15.59 1.93
N PRO B 448 -3.77 14.69 2.28
CA PRO B 448 -5.13 14.72 1.73
C PRO B 448 -6.26 15.42 2.53
N PHE B 449 -5.92 16.07 3.66
CA PHE B 449 -6.88 16.48 4.71
C PHE B 449 -6.96 18.00 4.82
N PRO B 450 -8.19 18.58 4.78
CA PRO B 450 -8.36 19.98 5.12
C PRO B 450 -8.04 20.23 6.60
N GLY B 451 -7.60 21.45 6.92
CA GLY B 451 -7.19 21.78 8.30
C GLY B 451 -6.23 22.96 8.39
N VAL B 452 -6.22 23.61 9.55
CA VAL B 452 -5.20 24.61 9.94
C VAL B 452 -4.02 23.83 10.56
N TYR B 453 -2.83 24.01 9.97
CA TYR B 453 -1.55 23.39 10.38
C TYR B 453 -0.47 24.47 10.56
N MET B 454 0.52 24.08 11.36
CA MET B 454 1.73 24.86 11.72
C MET B 454 2.86 24.59 10.72
N PHE B 455 3.68 25.61 10.48
CA PHE B 455 5.05 25.49 9.92
C PHE B 455 5.92 26.45 10.74
N HIS B 456 7.18 26.09 10.88
CA HIS B 456 8.07 26.84 11.78
C HIS B 456 9.52 26.36 11.68
N CYS B 457 10.38 27.13 12.30
CA CYS B 457 11.75 26.67 12.59
C CYS B 457 11.69 25.60 13.67
N HIS B 458 12.52 24.54 13.59
CA HIS B 458 12.52 23.49 14.63
C HIS B 458 13.66 23.71 15.62
N ASN B 459 14.39 24.83 15.53
CA ASN B 459 15.23 25.25 16.67
C ASN B 459 14.26 25.65 17.76
N LEU B 460 14.13 24.91 18.86
CA LEU B 460 12.98 25.08 19.79
C LEU B 460 13.05 26.44 20.51
N ILE B 461 14.23 27.06 20.64
CA ILE B 461 14.36 28.42 21.23
C ILE B 461 13.69 29.40 20.25
N HIS B 462 13.96 29.24 18.96
CA HIS B 462 13.34 30.05 17.90
C HIS B 462 11.84 29.82 17.85
N GLU B 463 11.41 28.56 17.79
CA GLU B 463 9.99 28.16 17.74
C GLU B 463 9.20 28.87 18.86
N ASP B 464 9.71 28.81 20.08
CA ASP B 464 9.02 29.34 21.27
C ASP B 464 8.87 30.88 21.24
N HIS B 465 9.76 31.60 20.55
CA HIS B 465 9.87 33.08 20.60
C HIS B 465 10.32 33.66 19.27
N ASP B 466 9.52 33.58 18.19
CA ASP B 466 8.19 32.98 18.10
C ASP B 466 8.02 32.53 16.63
N MET B 467 8.94 31.71 16.14
CA MET B 467 9.18 31.55 14.69
C MET B 467 8.29 30.47 14.16
N MET B 468 6.97 30.73 14.18
CA MET B 468 5.96 29.72 13.82
C MET B 468 4.76 30.42 13.21
N ALA B 469 4.06 29.75 12.30
CA ALA B 469 2.98 30.36 11.52
C ALA B 469 2.04 29.23 11.16
N ALA B 470 0.97 29.57 10.48
CA ALA B 470 -0.08 28.60 10.14
C ALA B 470 -0.36 28.71 8.63
N PHE B 471 -0.77 27.59 8.04
CA PHE B 471 -1.44 27.54 6.73
C PHE B 471 -2.78 26.86 6.95
N ASN B 472 -3.75 27.19 6.10
CA ASN B 472 -5.06 26.47 6.06
C ASN B 472 -5.15 25.67 4.75
N ALA B 473 -5.22 24.34 4.82
CA ALA B 473 -5.50 23.44 3.68
C ALA B 473 -7.02 23.43 3.50
N THR B 474 -7.50 24.29 2.62
CA THR B 474 -8.95 24.64 2.47
C THR B 474 -9.66 23.68 1.52
N VAL B 475 -10.92 23.37 1.86
CA VAL B 475 -11.90 22.69 0.98
C VAL B 475 -13.15 23.58 0.82
N LEU B 476 -14.00 23.20 -0.14
CA LEU B 476 -15.30 23.86 -0.44
C LEU B 476 -16.36 23.38 0.55
N PRO B 477 -17.44 24.18 0.78
CA PRO B 477 -18.50 23.79 1.70
C PRO B 477 -19.16 22.44 1.36
N ASP B 478 -19.15 22.06 0.08
CA ASP B 478 -19.74 20.77 -0.39
C ASP B 478 -18.73 19.63 -0.33
N TYR B 479 -17.55 19.81 0.28
CA TYR B 479 -16.46 18.79 0.19
C TYR B 479 -16.87 17.54 0.97
N GLY B 480 -17.60 17.70 2.07
CA GLY B 480 -18.08 16.56 2.90
C GLY B 480 -17.00 16.07 3.85
N TYR B 481 -16.92 14.76 4.05
CA TYR B 481 -15.91 14.02 4.84
C TYR B 481 -15.86 14.49 6.31
N ASN B 482 -16.90 15.20 6.78
CA ASN B 482 -16.97 15.68 8.17
C ASN B 482 -15.88 16.74 8.40
N ALA B 483 -15.57 17.48 7.34
CA ALA B 483 -14.55 18.55 7.36
C ALA B 483 -14.91 19.59 8.44
N THR B 484 -16.21 19.85 8.67
CA THR B 484 -16.68 20.89 9.63
C THR B 484 -16.17 20.55 11.04
N VAL B 485 -16.04 19.28 11.44
CA VAL B 485 -15.49 18.94 12.80
C VAL B 485 -13.99 18.60 12.76
N PHE B 486 -13.27 18.79 11.64
CA PHE B 486 -11.86 18.33 11.55
C PHE B 486 -10.88 19.42 11.08
N VAL B 487 -11.36 20.61 10.72
CA VAL B 487 -10.50 21.70 10.17
C VAL B 487 -10.00 22.62 11.29
N ASP B 488 -10.71 22.73 12.43
CA ASP B 488 -10.33 23.59 13.57
C ASP B 488 -9.59 22.69 14.54
N PRO B 489 -8.27 22.88 14.79
CA PRO B 489 -7.56 22.03 15.74
C PRO B 489 -8.16 22.12 17.17
N MET B 490 -8.83 23.24 17.48
CA MET B 490 -9.39 23.54 18.85
C MET B 490 -10.83 23.04 19.02
N GLU B 491 -11.40 22.38 17.99
CA GLU B 491 -12.75 21.74 17.97
C GLU B 491 -13.00 21.04 19.31
N GLU B 492 -14.06 21.41 20.05
CA GLU B 492 -14.31 20.92 21.45
C GLU B 492 -14.49 19.39 21.49
N LEU B 493 -15.01 18.74 20.43
CA LEU B 493 -15.13 17.24 20.42
C LEU B 493 -13.81 16.58 20.78
N TRP B 494 -12.67 17.19 20.42
CA TRP B 494 -11.34 16.52 20.48
C TRP B 494 -10.49 17.09 21.62
N GLN B 495 -10.97 18.11 22.32
CA GLN B 495 -10.24 18.77 23.45
C GLN B 495 -9.84 17.76 24.54
N ALA B 496 -8.80 18.09 25.32
CA ALA B 496 -8.45 17.33 26.53
C ALA B 496 -9.64 17.41 27.52
N ARG B 497 -9.71 16.51 28.48
CA ARG B 497 -10.81 16.47 29.47
C ARG B 497 -10.18 16.08 30.80
N PRO B 498 -10.73 16.54 31.95
CA PRO B 498 -10.16 16.16 33.24
C PRO B 498 -10.35 14.66 33.51
N TYR B 499 -9.47 14.13 34.37
CA TYR B 499 -9.46 12.75 34.92
C TYR B 499 -9.13 12.85 36.41
N GLU B 500 -9.59 11.90 37.23
CA GLU B 500 -9.13 11.77 38.64
C GLU B 500 -8.03 10.71 38.71
N LEU B 501 -6.97 11.01 39.47
CA LEU B 501 -5.75 10.18 39.51
C LEU B 501 -6.12 8.75 39.91
N GLY B 502 -7.04 8.61 40.88
CA GLY B 502 -7.59 7.32 41.37
C GLY B 502 -8.14 6.46 40.25
N GLU B 503 -8.99 7.03 39.39
CA GLU B 503 -9.64 6.36 38.23
C GLU B 503 -8.60 5.82 37.23
N PHE B 504 -7.52 6.59 37.00
CA PHE B 504 -6.40 6.22 36.09
C PHE B 504 -5.71 4.94 36.61
N GLN B 505 -5.36 4.92 37.92
CA GLN B 505 -4.61 3.79 38.52
C GLN B 505 -5.50 2.55 38.69
N ALA B 506 -6.80 2.74 38.95
CA ALA B 506 -7.79 1.64 39.09
C ALA B 506 -8.35 1.24 37.71
N GLN B 507 -7.96 1.93 36.62
CA GLN B 507 -8.49 1.68 35.24
CA GLN B 507 -8.48 1.65 35.25
C GLN B 507 -10.01 1.60 35.32
N SER B 508 -10.62 2.52 36.06
CA SER B 508 -12.10 2.62 36.27
C SER B 508 -12.62 3.89 35.60
N GLY B 509 -13.94 4.10 35.66
CA GLY B 509 -14.65 5.28 35.14
C GLY B 509 -14.28 5.53 33.69
N GLN B 510 -13.68 6.69 33.40
CA GLN B 510 -13.25 7.12 32.04
C GLN B 510 -12.23 6.13 31.46
N PHE B 511 -11.52 5.42 32.34
CA PHE B 511 -10.42 4.49 32.00
C PHE B 511 -10.91 3.03 31.93
N SER B 512 -12.19 2.75 32.21
CA SER B 512 -12.74 1.36 32.12
C SER B 512 -12.67 0.93 30.66
N VAL B 513 -12.49 -0.38 30.44
CA VAL B 513 -12.49 -1.02 29.09
C VAL B 513 -13.71 -0.54 28.35
N GLN B 514 -14.83 -0.45 29.08
CA GLN B 514 -16.17 -0.08 28.57
C GLN B 514 -16.13 1.36 28.06
N ALA B 515 -15.75 2.30 28.91
CA ALA B 515 -15.66 3.76 28.60
C ALA B 515 -14.72 3.98 27.41
N VAL B 516 -13.53 3.36 27.45
CA VAL B 516 -12.48 3.52 26.41
C VAL B 516 -13.04 3.07 25.06
N THR B 517 -13.62 1.87 25.04
CA THR B 517 -14.26 1.25 23.85
C THR B 517 -15.30 2.21 23.27
N GLU B 518 -16.20 2.73 24.12
CA GLU B 518 -17.28 3.66 23.70
C GLU B 518 -16.68 4.91 23.08
N ARG B 519 -15.72 5.52 23.77
CA ARG B 519 -15.10 6.81 23.35
CA ARG B 519 -15.09 6.82 23.35
C ARG B 519 -14.51 6.63 21.95
N ILE B 520 -13.69 5.57 21.77
CA ILE B 520 -12.97 5.24 20.49
C ILE B 520 -13.98 4.99 19.37
N GLN B 521 -14.95 4.11 19.61
CA GLN B 521 -16.00 3.82 18.60
C GLN B 521 -16.67 5.14 18.24
N THR B 522 -17.01 5.97 19.24
CA THR B 522 -17.66 7.29 19.00
C THR B 522 -16.74 8.12 18.10
N MET B 523 -15.44 8.10 18.39
CA MET B 523 -14.42 8.85 17.60
C MET B 523 -14.40 8.27 16.17
N ALA B 524 -14.31 6.93 16.06
CA ALA B 524 -14.19 6.17 14.78
C ALA B 524 -15.30 6.53 13.79
N GLU B 525 -16.56 6.65 14.24
CA GLU B 525 -17.73 6.94 13.37
C GLU B 525 -17.58 8.29 12.66
N TYR B 526 -16.81 9.25 13.20
CA TYR B 526 -16.68 10.59 12.54
C TYR B 526 -15.80 10.45 11.29
N ARG B 527 -15.05 9.35 11.24
CA ARG B 527 -14.28 8.88 10.06
C ARG B 527 -13.20 9.91 9.71
N PRO B 528 -12.25 10.15 10.64
CA PRO B 528 -11.26 11.23 10.46
C PRO B 528 -10.30 11.05 9.28
N TYR B 529 -9.89 9.81 8.96
CA TYR B 529 -8.85 9.52 7.94
C TYR B 529 -9.42 8.89 6.67
N ALA B 530 -10.73 9.08 6.40
CA ALA B 530 -11.47 8.41 5.30
C ALA B 530 -10.88 8.82 3.95
N ALA B 531 -10.52 10.10 3.78
CA ALA B 531 -9.96 10.71 2.55
C ALA B 531 -8.59 10.12 2.14
N ALA B 532 -7.97 9.27 2.97
CA ALA B 532 -6.66 8.63 2.70
C ALA B 532 -6.84 7.18 2.20
N ASP B 533 -8.06 6.65 2.18
CA ASP B 533 -8.42 5.32 1.60
C ASP B 533 -8.23 5.36 0.07
C1 NAG C . -12.22 11.47 -20.16
C2 NAG C . -12.45 12.20 -21.44
C3 NAG C . -11.24 13.06 -21.78
C4 NAG C . -10.73 13.89 -20.65
C5 NAG C . -10.54 13.01 -19.43
C6 NAG C . -10.14 13.80 -18.19
C7 NAG C . -13.79 10.99 -23.11
C8 NAG C . -13.78 9.89 -24.15
N2 NAG C . -12.66 11.16 -22.43
O3 NAG C . -11.55 13.97 -22.82
O4 NAG C . -9.49 14.41 -21.08
O5 NAG C . -11.81 12.39 -19.20
O6 NAG C . -9.69 12.90 -17.17
O7 NAG C . -14.79 11.65 -22.90
C1 NAG C . -9.47 15.83 -20.98
C2 NAG C . -8.02 16.32 -20.87
C3 NAG C . -7.86 17.84 -20.89
C4 NAG C . -8.69 18.45 -22.02
C5 NAG C . -10.11 17.87 -22.05
C6 NAG C . -10.92 18.41 -23.23
C7 NAG C . -6.39 14.91 -19.80
C8 NAG C . -5.73 14.61 -18.47
N2 NAG C . -7.34 15.86 -19.70
O3 NAG C . -6.45 18.17 -21.04
O4 NAG C . -8.69 19.88 -21.97
O5 NAG C . -10.03 16.44 -22.16
O6 NAG C . -10.42 17.79 -24.43
O7 NAG C . -6.11 14.36 -20.88
C1 BMA C . -8.17 20.38 -23.24
C2 BMA C . -8.97 21.60 -23.62
C3 BMA C . -8.52 22.13 -24.99
C4 BMA C . -7.05 21.92 -25.38
C5 BMA C . -6.26 20.83 -24.62
C6 BMA C . -4.73 21.01 -24.72
O2 BMA C . -8.85 22.52 -22.53
O3 BMA C . -8.76 23.55 -25.09
O4 BMA C . -7.02 21.58 -26.78
O5 BMA C . -6.78 20.73 -23.26
O6 BMA C . -4.16 22.19 -24.11
C1 MAN C . -10.03 23.85 -25.72
C2 MAN C . -9.94 25.31 -26.19
C3 MAN C . -10.13 26.32 -25.03
C4 MAN C . -11.12 25.91 -23.94
C5 MAN C . -11.00 24.43 -23.59
C6 MAN C . -12.00 23.94 -22.51
O2 MAN C . -10.82 25.58 -27.31
O3 MAN C . -10.53 27.61 -25.50
O4 MAN C . -10.87 26.71 -22.79
O5 MAN C . -11.13 23.67 -24.81
O6 MAN C . -13.36 24.03 -22.94
C1 NAG D . 6.01 11.94 -18.62
C2 NAG D . 6.96 12.01 -17.51
C3 NAG D . 8.30 12.62 -17.94
C4 NAG D . 8.79 11.98 -19.26
C5 NAG D . 7.71 11.84 -20.32
C6 NAG D . 8.18 11.04 -21.55
C7 NAG D . 5.82 12.23 -15.42
C8 NAG D . 5.22 13.14 -14.42
N2 NAG D . 6.31 12.81 -16.48
O3 NAG D . 9.27 12.49 -16.86
O4 NAG D . 9.73 12.84 -19.87
O5 NAG D . 6.58 11.23 -19.72
O6 NAG D . 8.71 9.73 -21.20
O7 NAG D . 5.92 11.02 -15.30
C1 NAG D . 10.95 12.12 -19.88
C2 NAG D . 11.88 12.70 -20.96
C3 NAG D . 13.22 11.94 -20.89
C4 NAG D . 13.76 12.04 -19.48
C5 NAG D . 12.76 11.41 -18.52
C6 NAG D . 13.23 11.45 -17.06
C7 NAG D . 10.64 13.91 -22.72
C8 NAG D . 10.01 13.94 -24.07
N2 NAG D . 11.31 12.80 -22.31
O3 NAG D . 14.22 12.56 -21.70
O4 NAG D . 15.06 11.43 -19.44
O5 NAG D . 11.53 12.15 -18.59
O6 NAG D . 12.72 12.66 -16.47
O7 NAG D . 10.48 14.92 -22.04
C1 NAG E . -9.81 27.19 6.93
C2 NAG E . -10.60 28.23 7.67
C3 NAG E . -12.04 27.82 7.99
C4 NAG E . -12.75 27.24 6.77
C5 NAG E . -11.85 26.22 6.03
C6 NAG E . -12.36 25.65 4.70
C7 NAG E . -9.35 29.48 9.30
C8 NAG E . -8.96 29.59 10.74
N2 NAG E . -9.92 28.35 8.94
O3 NAG E . -12.74 28.93 8.54
O4 NAG E . -13.95 26.60 7.27
O5 NAG E . -10.53 26.79 5.80
O6 NAG E . -11.60 24.45 4.47
O7 NAG E . -9.20 30.38 8.52
C1 NAG E . -15.07 27.27 6.65
C2 NAG E . -16.24 26.29 6.56
C3 NAG E . -17.41 26.96 5.83
C4 NAG E . -17.85 28.15 6.69
C5 NAG E . -16.63 29.10 6.70
C6 NAG E . -16.94 30.45 7.34
C7 NAG E . -15.50 23.99 6.77
C8 NAG E . -15.15 22.72 6.05
N2 NAG E . -15.85 25.02 5.99
O3 NAG E . -18.48 26.05 5.61
O4 NAG E . -19.07 28.77 6.21
O5 NAG E . -15.52 28.44 7.36
O6 NAG E . -16.89 30.33 8.76
O7 NAG E . -15.46 24.04 7.98
C1 NAG F . -19.60 12.16 10.23
C2 NAG F . -19.82 10.91 9.38
C3 NAG F . -21.13 10.28 9.78
C4 NAG F . -21.26 10.19 11.30
C5 NAG F . -20.91 11.47 12.05
C6 NAG F . -20.95 11.38 13.58
C7 NAG F . -18.74 11.27 7.22
C8 NAG F . -18.96 11.79 5.84
N2 NAG F . -19.83 11.29 7.98
O3 NAG F . -21.21 8.97 9.24
O4 NAG F . -22.64 9.85 11.53
O5 NAG F . -19.63 11.81 11.62
O6 NAG F . -20.11 10.35 14.12
O7 NAG F . -17.66 10.87 7.60
C1 NAG F . -22.67 8.71 12.37
C2 NAG F . -24.07 8.69 13.03
C3 NAG F . -24.27 7.37 13.78
C4 NAG F . -23.77 6.12 13.04
C5 NAG F . -22.35 6.31 12.48
C6 NAG F . -21.82 5.10 11.66
C7 NAG F . -24.91 10.97 13.63
C8 NAG F . -24.90 12.02 14.68
N2 NAG F . -24.31 9.81 13.96
O3 NAG F . -25.67 7.22 14.02
O4 NAG F . -23.89 5.02 13.95
O5 NAG F . -22.34 7.49 11.67
O6 NAG F . -20.53 4.63 12.12
O7 NAG F . -25.42 11.22 12.54
CU CU G . -25.75 -10.78 -19.63
CU CU H . -14.15 -6.48 -19.74
CU CU I . -12.78 -10.75 -17.83
CU CU J . -11.93 -6.97 -16.50
C1 SIN K . 7.37 4.87 -10.66
O1 SIN K . 6.57 4.43 -9.80
O2 SIN K . 7.64 6.07 -10.79
C2 SIN K . 8.00 3.89 -11.62
C3 SIN K . 7.02 2.88 -12.16
C4 SIN K . 5.87 3.45 -12.95
O3 SIN K . 5.18 2.61 -13.56
O4 SIN K . 5.67 4.74 -12.98
C1 SIN L . -26.27 -26.75 -31.84
O1 SIN L . -25.40 -26.93 -32.73
O2 SIN L . -26.80 -27.72 -31.17
C2 SIN L . -26.75 -25.32 -31.57
C3 SIN L . -25.72 -24.35 -30.99
C4 SIN L . -25.88 -24.09 -29.50
O3 SIN L . -25.67 -25.05 -28.71
O4 SIN L . -26.22 -22.95 -29.11
O1 OXY M . -13.59 -8.15 -18.69
O2 OXY M . -13.73 -8.98 -19.55
O1 PG4 N . -40.28 -17.40 -12.08
C1 PG4 N . -40.63 -18.36 -13.09
C2 PG4 N . -40.55 -19.78 -12.59
O2 PG4 N . -39.36 -20.42 -13.04
C3 PG4 N . -38.84 -21.39 -12.15
C4 PG4 N . -37.64 -22.08 -12.74
O3 PG4 N . -36.59 -21.14 -12.96
C5 PG4 N . -35.40 -21.74 -13.49
C6 PG4 N . -34.91 -20.98 -14.70
O4 PG4 N . -35.42 -21.55 -15.91
C7 PG4 N . -34.63 -22.62 -16.41
C8 PG4 N . -35.32 -23.32 -17.56
O5 PG4 N . -35.00 -24.72 -17.62
C1 PGR O . -4.30 -2.02 -35.08
C2 PGR O . -4.84 -1.93 -36.50
C3 PGR O . -3.90 -2.56 -37.51
O1 PGR O . -3.01 -1.42 -34.97
O2 PGR O . -6.17 -2.52 -36.59
PA NAD P . -38.82 -11.26 -18.61
O1A NAD P . -38.57 -10.00 -17.87
O2A NAD P . -38.08 -12.54 -18.34
O5B NAD P . -38.77 -10.95 -20.19
C5B NAD P . -39.14 -9.71 -20.86
C4B NAD P . -39.37 -10.02 -22.33
O4B NAD P . -38.15 -10.56 -22.90
C3B NAD P . -40.47 -11.05 -22.66
O3B NAD P . -41.14 -10.83 -23.89
C2B NAD P . -39.68 -12.35 -22.75
O2B NAD P . -40.34 -13.32 -23.52
C1B NAD P . -38.37 -11.86 -23.38
N9A NAD P . -37.20 -12.70 -23.03
C8A NAD P . -37.00 -13.42 -21.86
N7A NAD P . -35.87 -14.09 -21.89
C5A NAD P . -35.31 -13.81 -23.12
C6A NAD P . -34.09 -14.21 -23.74
N6A NAD P . -33.19 -15.02 -23.18
N1A NAD P . -33.85 -13.72 -24.98
C2A NAD P . -34.74 -12.89 -25.53
N3A NAD P . -35.90 -12.44 -25.05
C4A NAD P . -36.13 -12.94 -23.84
O3 NAD P . -40.39 -11.62 -18.51
PN NAD P . -41.43 -11.70 -17.30
O1N NAD P . -40.67 -11.75 -16.01
O2N NAD P . -42.37 -12.81 -17.65
O5D NAD P . -42.23 -10.29 -17.35
C5D NAD P . -41.67 -9.11 -17.98
C4D NAD P . -41.22 -8.11 -16.95
O4D NAD P . -41.49 -6.79 -17.47
C3D NAD P . -41.88 -8.18 -15.56
O3D NAD P . -40.96 -8.37 -14.50
C2D NAD P . -42.57 -6.81 -15.42
O2D NAD P . -42.55 -6.30 -14.09
C1D NAD P . -41.74 -5.93 -16.36
N1N NAD P . -42.43 -4.67 -16.78
C2N NAD P . -41.66 -3.62 -17.21
C3N NAD P . -42.24 -2.41 -17.58
C7N NAD P . -41.31 -1.33 -18.05
O7N NAD P . -41.02 -1.25 -19.24
N7N NAD P . -40.83 -0.50 -17.13
C4N NAD P . -43.64 -2.28 -17.50
C5N NAD P . -44.40 -3.34 -17.06
C6N NAD P . -43.79 -4.52 -16.70
CU CU Q . 15.33 29.14 13.64
CU CU R . 5.64 21.52 14.69
CU CU S . 8.78 17.93 15.52
CU CU T . 5.65 18.17 12.83
C1 SIN U . -12.59 4.85 6.98
O1 SIN U . -11.56 4.99 6.26
O2 SIN U . -13.77 5.00 6.56
C2 SIN U . -12.38 4.49 8.45
C3 SIN U . -11.13 5.08 9.09
C4 SIN U . -11.09 6.59 9.40
O3 SIN U . -11.79 7.38 8.72
O4 SIN U . -10.29 6.98 10.28
O1 OXY V . 7.24 20.25 16.04
O2 OXY V . 7.09 19.80 14.96
O1 PG4 W . 31.86 30.28 16.10
C1 PG4 W . 31.04 31.40 15.71
C2 PG4 W . 30.07 31.09 14.59
O2 PG4 W . 30.72 30.36 13.54
C3 PG4 W . 29.95 30.29 12.33
C4 PG4 W . 30.87 29.99 11.17
O3 PG4 W . 31.60 31.16 10.82
C5 PG4 W . 32.61 30.97 9.82
C6 PG4 W . 33.18 32.32 9.42
O4 PG4 W . 32.26 33.01 8.58
C7 PG4 W . 32.49 34.41 8.50
C8 PG4 W . 31.31 35.12 7.85
O5 PG4 W . 30.84 34.48 6.65
C1 GOL X . 14.26 -4.32 -4.65
O1 GOL X . 14.86 -4.89 -3.49
C2 GOL X . 12.82 -3.89 -4.40
O2 GOL X . 11.96 -4.35 -5.44
C3 GOL X . 12.69 -2.38 -4.27
O3 GOL X . 11.37 -1.98 -3.91
PA NAD Y . 23.13 38.91 9.68
O1A NAD Y . 22.15 38.91 8.54
O2A NAD Y . 23.79 37.65 10.15
O5B NAD Y . 22.47 39.64 10.95
C5B NAD Y . 21.39 40.59 10.81
C4B NAD Y . 21.40 41.43 12.06
O4B NAD Y . 21.07 40.58 13.19
C3B NAD Y . 22.75 42.06 12.44
O3B NAD Y . 22.54 43.28 13.13
C2B NAD Y . 23.39 40.94 13.27
O2B NAD Y . 24.41 41.38 14.13
C1B NAD Y . 22.19 40.44 14.06
N9A NAD Y . 22.25 39.03 14.50
C8A NAD Y . 22.89 37.97 13.90
N7A NAD Y . 22.74 36.84 14.54
C5A NAD Y . 21.92 37.17 15.63
C6A NAD Y . 21.39 36.40 16.67
N6A NAD Y . 21.59 35.08 16.81
N1A NAD Y . 20.64 37.05 17.59
C2A NAD Y . 20.42 38.36 17.44
N3A NAD Y . 20.86 39.18 16.48
C4A NAD Y . 21.62 38.51 15.61
O3 NAD Y . 24.30 39.99 9.39
PN NAD Y . 25.36 40.22 8.19
O1N NAD Y . 25.42 38.96 7.37
O2N NAD Y . 26.62 40.76 8.79
O5D NAD Y . 24.67 41.39 7.31
C5D NAD Y . 23.38 42.01 7.60
C4D NAD Y . 22.44 41.66 6.47
O4D NAD Y . 21.27 42.52 6.46
C3D NAD Y . 23.00 41.79 5.05
O3D NAD Y . 23.62 40.60 4.55
C2D NAD Y . 21.75 42.12 4.24
O2D NAD Y . 21.53 41.15 3.23
C1D NAD Y . 20.61 42.15 5.26
N1N NAD Y . 19.56 43.12 4.81
C2N NAD Y . 18.35 42.61 4.39
C3N NAD Y . 17.36 43.44 3.89
C7N NAD Y . 16.08 42.77 3.47
O7N NAD Y . 15.36 43.30 2.62
N7N NAD Y . 15.82 41.58 4.00
C4N NAD Y . 17.60 44.82 3.81
C5N NAD Y . 18.83 45.32 4.22
C6N NAD Y . 19.80 44.47 4.70
#